data_5DWN
#
_entry.id   5DWN
#
_cell.length_a   71.100
_cell.length_b   77.380
_cell.length_c   135.840
_cell.angle_alpha   90.000
_cell.angle_beta   90.000
_cell.angle_gamma   90.000
#
_symmetry.space_group_name_H-M   'P 21 21 21'
#
loop_
_entity.id
_entity.type
_entity.pdbx_description
1 polymer 'Phosphinothricin N-acetyltransferase'
2 non-polymer 'ACETYL COENZYME *A'
3 non-polymer 'CHLORIDE ION'
4 non-polymer 'MAGNESIUM ION'
5 water water
#
_entity_poly.entity_id   1
_entity_poly.type   'polypeptide(L)'
_entity_poly.pdbx_seq_one_letter_code
;MAHHHHHHMPVIRDFQPADIETITAIYTQAVLTGTGSYEIEPPTMDEMAKRFAAFADQGFPILVAEADGRVLGYAYASYF
RVRPAYRWLAEDSIYIAPDAKGQGIGKLLLRELIARISALGFRQLLAVIGDGEHNIGSVKLHESLGFTHCGRIEGSGFKH
GRWLDTVLMQLPLNGGRSTEPGPSPLS
;
_entity_poly.pdbx_strand_id   A,B,C,D
#
loop_
_chem_comp.id
_chem_comp.type
_chem_comp.name
_chem_comp.formula
ACO non-polymer 'ACETYL COENZYME *A' 'C23 H38 N7 O17 P3 S'
CL non-polymer 'CHLORIDE ION' 'Cl -1'
MG non-polymer 'MAGNESIUM ION' 'Mg 2'
#
# COMPACT_ATOMS: atom_id res chain seq x y z
N HIS A 7 -30.26 46.95 -33.61
CA HIS A 7 -28.87 46.69 -33.25
C HIS A 7 -28.03 46.35 -34.48
N HIS A 8 -26.86 46.98 -34.58
CA HIS A 8 -25.97 46.75 -35.71
C HIS A 8 -25.56 45.29 -35.78
N MET A 9 -25.38 44.79 -37.01
CA MET A 9 -25.06 43.38 -37.21
C MET A 9 -23.69 43.07 -36.60
N PRO A 10 -23.57 42.05 -35.76
CA PRO A 10 -22.24 41.62 -35.32
C PRO A 10 -21.49 40.95 -36.46
N VAL A 11 -20.18 41.15 -36.47
CA VAL A 11 -19.29 40.47 -37.42
C VAL A 11 -18.39 39.55 -36.63
N ILE A 12 -18.04 38.42 -37.24
CA ILE A 12 -17.19 37.42 -36.63
C ILE A 12 -15.80 37.59 -37.20
N ARG A 13 -14.80 37.69 -36.34
CA ARG A 13 -13.42 37.80 -36.81
C ARG A 13 -12.52 36.99 -35.89
N ASP A 14 -11.27 36.77 -36.34
CA ASP A 14 -10.28 36.17 -35.46
C ASP A 14 -10.03 37.06 -34.24
N PHE A 15 -9.88 36.41 -33.09
CA PHE A 15 -9.38 37.05 -31.88
C PHE A 15 -8.06 37.79 -32.15
N GLN A 16 -7.93 38.98 -31.58
CA GLN A 16 -6.71 39.75 -31.55
C GLN A 16 -6.26 39.93 -30.10
N PRO A 17 -4.95 39.93 -29.81
CA PRO A 17 -4.50 39.97 -28.41
C PRO A 17 -5.16 41.05 -27.57
N ALA A 18 -5.43 42.22 -28.13
CA ALA A 18 -6.05 43.31 -27.38
C ALA A 18 -7.51 43.02 -27.01
N ASP A 19 -8.12 41.99 -27.60
CA ASP A 19 -9.46 41.55 -27.17
C ASP A 19 -9.47 40.94 -25.77
N ILE A 20 -8.32 40.64 -25.19
CA ILE A 20 -8.29 39.79 -24.00
C ILE A 20 -8.94 40.48 -22.80
N GLU A 21 -8.91 41.82 -22.75
CA GLU A 21 -9.53 42.51 -21.62
C GLU A 21 -11.04 42.26 -21.58
N THR A 22 -11.72 42.45 -22.71
CA THR A 22 -13.15 42.21 -22.78
C THR A 22 -13.47 40.72 -22.60
N ILE A 23 -12.68 39.85 -23.23
CA ILE A 23 -12.91 38.42 -23.11
C ILE A 23 -12.80 38.00 -21.64
N THR A 24 -11.84 38.59 -20.92
CA THR A 24 -11.70 38.28 -19.49
C THR A 24 -12.93 38.77 -18.73
N ALA A 25 -13.44 39.95 -19.10
CA ALA A 25 -14.64 40.48 -18.44
C ALA A 25 -15.81 39.53 -18.65
N ILE A 26 -16.00 39.10 -19.90
CA ILE A 26 -17.09 38.18 -20.22
C ILE A 26 -16.95 36.87 -19.45
N TYR A 27 -15.75 36.29 -19.47
CA TYR A 27 -15.56 35.01 -18.80
C TYR A 27 -15.69 35.16 -17.30
N THR A 28 -15.16 36.25 -16.75
CA THR A 28 -15.28 36.50 -15.32
C THR A 28 -16.74 36.50 -14.88
N GLN A 29 -17.60 37.22 -15.60
CA GLN A 29 -19.02 37.28 -15.25
CA GLN A 29 -19.00 37.27 -15.19
C GLN A 29 -19.64 35.89 -15.31
N ALA A 30 -19.28 35.10 -16.33
CA ALA A 30 -19.81 33.75 -16.45
C ALA A 30 -19.34 32.86 -15.30
N VAL A 31 -18.05 32.94 -14.95
CA VAL A 31 -17.52 32.12 -13.85
C VAL A 31 -18.22 32.48 -12.54
N LEU A 32 -18.40 33.77 -12.29
CA LEU A 32 -18.99 34.22 -11.04
C LEU A 32 -20.46 33.87 -10.93
N THR A 33 -21.22 34.09 -12.01
CA THR A 33 -22.67 34.04 -11.92
C THR A 33 -23.28 32.78 -12.52
N GLY A 34 -22.49 31.93 -13.17
CA GLY A 34 -23.03 30.80 -13.88
C GLY A 34 -22.28 29.52 -13.56
N THR A 35 -22.88 28.41 -14.00
CA THR A 35 -22.37 27.07 -13.80
C THR A 35 -21.96 26.40 -15.10
N GLY A 36 -21.97 27.15 -16.20
CA GLY A 36 -21.41 26.60 -17.43
C GLY A 36 -19.94 26.33 -17.28
N SER A 37 -19.22 27.21 -16.59
CA SER A 37 -17.83 26.99 -16.27
C SER A 37 -17.72 26.32 -14.91
N TYR A 38 -16.84 25.33 -14.81
CA TYR A 38 -16.59 24.66 -13.53
C TYR A 38 -15.41 25.29 -12.79
N GLU A 39 -14.90 26.39 -13.29
CA GLU A 39 -14.00 27.20 -12.48
C GLU A 39 -14.81 27.94 -11.43
N ILE A 40 -14.16 28.23 -10.31
CA ILE A 40 -14.78 28.95 -9.21
C ILE A 40 -14.21 30.35 -9.09
N GLU A 41 -12.93 30.44 -8.89
CA GLU A 41 -12.27 31.75 -8.88
C GLU A 41 -11.93 32.16 -10.31
N PRO A 42 -12.37 33.33 -10.76
CA PRO A 42 -12.10 33.75 -12.14
C PRO A 42 -10.61 33.94 -12.36
N PRO A 43 -10.09 33.54 -13.52
CA PRO A 43 -8.68 33.76 -13.81
C PRO A 43 -8.41 35.22 -14.11
N THR A 44 -7.17 35.63 -13.91
CA THR A 44 -6.75 36.98 -14.21
C THR A 44 -6.67 37.18 -15.72
N MET A 45 -6.58 38.45 -16.12
CA MET A 45 -6.42 38.77 -17.53
C MET A 45 -5.13 38.18 -18.09
N ASP A 46 -4.05 38.22 -17.31
CA ASP A 46 -2.79 37.63 -17.76
C ASP A 46 -2.88 36.12 -17.90
N GLU A 47 -3.59 35.45 -17.00
CA GLU A 47 -3.81 34.00 -17.18
C GLU A 47 -4.65 33.73 -18.42
N MET A 48 -5.69 34.53 -18.66
CA MET A 48 -6.49 34.36 -19.87
C MET A 48 -5.63 34.55 -21.12
N ALA A 49 -4.77 35.56 -21.11
CA ALA A 49 -3.90 35.78 -22.25
C ALA A 49 -3.00 34.57 -22.51
N LYS A 50 -2.47 33.99 -21.43
CA LYS A 50 -1.60 32.83 -21.56
C LYS A 50 -2.36 31.61 -22.09
N ARG A 51 -3.59 31.41 -21.62
CA ARG A 51 -4.42 30.32 -22.14
C ARG A 51 -4.69 30.48 -23.63
N PHE A 52 -5.06 31.70 -24.04
CA PHE A 52 -5.38 31.91 -25.44
C PHE A 52 -4.15 31.83 -26.32
N ALA A 53 -3.01 32.33 -25.84
CA ALA A 53 -1.77 32.15 -26.60
C ALA A 53 -1.46 30.68 -26.79
N ALA A 54 -1.73 29.84 -25.79
CA ALA A 54 -1.44 28.42 -25.91
C ALA A 54 -2.37 27.74 -26.93
N PHE A 55 -3.67 28.04 -26.89
CA PHE A 55 -4.57 27.54 -27.91
C PHE A 55 -4.11 27.93 -29.31
N ALA A 56 -3.74 29.20 -29.49
CA ALA A 56 -3.30 29.68 -30.79
C ALA A 56 -1.99 29.02 -31.20
N ASP A 57 -1.08 28.79 -30.25
CA ASP A 57 0.15 28.09 -30.56
C ASP A 57 -0.12 26.68 -31.09
N GLN A 58 -1.11 25.99 -30.53
CA GLN A 58 -1.49 24.67 -31.03
C GLN A 58 -2.07 24.74 -32.42
N GLY A 59 -2.54 25.90 -32.87
CA GLY A 59 -3.15 26.05 -34.16
C GLY A 59 -4.66 26.17 -34.16
N PHE A 60 -5.29 26.28 -32.99
CA PHE A 60 -6.75 26.27 -32.92
C PHE A 60 -7.31 27.65 -33.24
N PRO A 61 -8.49 27.69 -33.86
CA PRO A 61 -9.12 28.99 -34.15
C PRO A 61 -9.73 29.58 -32.89
N ILE A 62 -9.61 30.89 -32.76
CA ILE A 62 -10.23 31.66 -31.66
C ILE A 62 -10.94 32.83 -32.30
N LEU A 63 -12.26 32.92 -32.10
CA LEU A 63 -13.10 33.87 -32.82
C LEU A 63 -13.83 34.78 -31.84
N VAL A 64 -14.12 36.01 -32.27
CA VAL A 64 -14.92 36.93 -31.48
C VAL A 64 -16.04 37.47 -32.34
N ALA A 65 -17.12 37.87 -31.69
CA ALA A 65 -18.22 38.57 -32.34
C ALA A 65 -18.13 40.03 -31.92
N GLU A 66 -18.12 40.94 -32.90
CA GLU A 66 -17.88 42.34 -32.61
C GLU A 66 -18.98 43.18 -33.23
N ALA A 67 -19.56 44.10 -32.44
CA ALA A 67 -20.45 45.11 -33.00
C ALA A 67 -20.20 46.44 -32.32
N ASP A 68 -20.24 47.52 -33.10
CA ASP A 68 -20.04 48.88 -32.61
C ASP A 68 -18.75 48.97 -31.79
N GLY A 69 -17.70 48.33 -32.29
CA GLY A 69 -16.39 48.37 -31.66
C GLY A 69 -16.26 47.55 -30.40
N ARG A 70 -17.28 46.82 -29.99
CA ARG A 70 -17.26 46.05 -28.74
C ARG A 70 -17.28 44.56 -29.04
N VAL A 71 -16.47 43.80 -28.32
CA VAL A 71 -16.53 42.35 -28.39
C VAL A 71 -17.72 41.89 -27.57
N LEU A 72 -18.66 41.16 -28.20
CA LEU A 72 -19.87 40.69 -27.54
C LEU A 72 -19.78 39.24 -27.09
N GLY A 73 -18.83 38.48 -27.59
CA GLY A 73 -18.78 37.07 -27.27
C GLY A 73 -17.54 36.49 -27.93
N TYR A 74 -17.16 35.30 -27.48
CA TYR A 74 -16.02 34.63 -28.11
C TYR A 74 -16.28 33.14 -28.09
N ALA A 75 -15.50 32.43 -28.92
CA ALA A 75 -15.58 30.99 -29.03
C ALA A 75 -14.21 30.49 -29.48
N TYR A 76 -13.86 29.31 -29.02
CA TYR A 76 -12.61 28.73 -29.48
C TYR A 76 -12.74 27.21 -29.45
N ALA A 77 -11.80 26.58 -30.11
CA ALA A 77 -11.68 25.13 -30.07
C ALA A 77 -10.38 24.76 -29.40
N SER A 78 -10.34 23.55 -28.86
CA SER A 78 -9.13 23.00 -28.25
C SER A 78 -9.27 21.48 -28.28
N TYR A 79 -8.26 20.79 -27.77
CA TYR A 79 -8.34 19.34 -27.66
C TYR A 79 -9.25 18.94 -26.51
N PHE A 80 -10.01 17.86 -26.72
CA PHE A 80 -10.64 17.19 -25.58
C PHE A 80 -9.56 16.58 -24.68
N ARG A 81 -8.70 15.74 -25.26
CA ARG A 81 -7.53 15.18 -24.60
C ARG A 81 -6.43 15.11 -25.66
N VAL A 82 -5.18 15.07 -25.20
CA VAL A 82 -4.07 15.35 -26.11
C VAL A 82 -3.38 14.11 -26.67
N ARG A 83 -3.71 12.92 -26.18
CA ARG A 83 -3.04 11.72 -26.69
C ARG A 83 -3.27 11.60 -28.20
N PRO A 84 -2.30 11.05 -28.94
CA PRO A 84 -2.36 11.17 -30.41
C PRO A 84 -3.59 10.55 -31.06
N ALA A 85 -4.17 9.47 -30.54
CA ALA A 85 -5.33 8.94 -31.25
C ALA A 85 -6.50 9.90 -31.22
N TYR A 86 -6.53 10.86 -30.29
CA TYR A 86 -7.56 11.87 -30.19
C TYR A 86 -7.40 13.04 -31.18
N ARG A 87 -6.40 13.01 -32.08
CA ARG A 87 -5.99 14.19 -32.83
CA ARG A 87 -6.04 14.25 -32.75
C ARG A 87 -7.05 14.70 -33.81
N TRP A 88 -8.10 13.93 -34.08
CA TRP A 88 -9.18 14.36 -34.97
C TRP A 88 -10.43 14.77 -34.19
N LEU A 89 -10.32 14.89 -32.88
CA LEU A 89 -11.41 15.28 -32.01
C LEU A 89 -11.08 16.64 -31.41
N ALA A 90 -11.96 17.61 -31.63
CA ALA A 90 -11.82 18.92 -31.01
C ALA A 90 -13.02 19.16 -30.09
N GLU A 91 -12.89 20.15 -29.22
CA GLU A 91 -13.94 20.55 -28.28
C GLU A 91 -14.22 22.04 -28.48
N ASP A 92 -15.49 22.47 -28.37
CA ASP A 92 -15.79 23.89 -28.53
C ASP A 92 -16.14 24.52 -27.18
N SER A 93 -15.81 25.80 -27.03
CA SER A 93 -16.21 26.58 -25.86
C SER A 93 -16.72 27.92 -26.38
N ILE A 94 -17.80 28.43 -25.80
CA ILE A 94 -18.35 29.69 -26.29
C ILE A 94 -19.00 30.42 -25.13
N TYR A 95 -18.76 31.74 -25.08
CA TYR A 95 -19.25 32.60 -24.03
C TYR A 95 -19.72 33.92 -24.65
N ILE A 96 -20.94 34.32 -24.31
CA ILE A 96 -21.56 35.55 -24.84
C ILE A 96 -21.80 36.49 -23.68
N ALA A 97 -21.54 37.78 -23.88
CA ALA A 97 -21.79 38.74 -22.81
C ALA A 97 -23.29 38.76 -22.47
N PRO A 98 -23.65 38.92 -21.18
CA PRO A 98 -25.07 38.87 -20.81
C PRO A 98 -26.00 39.75 -21.62
N ASP A 99 -25.66 41.02 -21.82
CA ASP A 99 -26.56 41.86 -22.59
C ASP A 99 -26.56 41.54 -24.07
N ALA A 100 -25.82 40.51 -24.50
CA ALA A 100 -25.85 40.11 -25.91
C ALA A 100 -26.42 38.71 -26.11
N LYS A 101 -26.91 38.05 -25.06
CA LYS A 101 -27.45 36.70 -25.17
C LYS A 101 -28.84 36.70 -25.81
N GLY A 102 -29.23 35.55 -26.36
CA GLY A 102 -30.57 35.42 -26.92
C GLY A 102 -30.80 36.23 -28.17
N GLN A 103 -29.73 36.60 -28.86
CA GLN A 103 -29.81 37.41 -30.08
C GLN A 103 -29.21 36.70 -31.28
N GLY A 104 -28.89 35.41 -31.17
CA GLY A 104 -28.32 34.67 -32.26
C GLY A 104 -26.83 34.79 -32.41
N ILE A 105 -26.15 35.49 -31.49
CA ILE A 105 -24.70 35.68 -31.59
C ILE A 105 -23.95 34.38 -31.29
N GLY A 106 -24.41 33.63 -30.28
CA GLY A 106 -23.83 32.32 -30.03
C GLY A 106 -23.92 31.42 -31.25
N LYS A 107 -25.06 31.44 -31.94
CA LYS A 107 -25.21 30.61 -33.12
C LYS A 107 -24.29 31.07 -34.24
N LEU A 108 -24.19 32.39 -34.45
CA LEU A 108 -23.30 32.92 -35.48
C LEU A 108 -21.85 32.52 -35.21
N LEU A 109 -21.41 32.59 -33.95
CA LEU A 109 -20.03 32.27 -33.61
C LEU A 109 -19.76 30.78 -33.74
N LEU A 110 -20.67 29.96 -33.22
CA LEU A 110 -20.46 28.52 -33.25
C LEU A 110 -20.51 28.01 -34.68
N ARG A 111 -21.37 28.60 -35.53
CA ARG A 111 -21.42 28.17 -36.92
C ARG A 111 -20.08 28.42 -37.60
N GLU A 112 -19.47 29.58 -37.35
CA GLU A 112 -18.19 29.90 -37.98
C GLU A 112 -17.06 29.08 -37.37
N LEU A 113 -17.12 28.79 -36.06
CA LEU A 113 -16.12 27.91 -35.46
C LEU A 113 -16.17 26.52 -36.07
N ILE A 114 -17.38 25.99 -36.28
CA ILE A 114 -17.54 24.71 -36.95
C ILE A 114 -16.89 24.73 -38.32
N ALA A 115 -17.14 25.78 -39.10
CA ALA A 115 -16.52 25.88 -40.41
C ALA A 115 -15.00 25.89 -40.30
N ARG A 116 -14.46 26.68 -39.37
CA ARG A 116 -13.00 26.75 -39.26
C ARG A 116 -12.42 25.43 -38.79
N ILE A 117 -13.10 24.75 -37.87
CA ILE A 117 -12.57 23.50 -37.35
C ILE A 117 -12.69 22.40 -38.41
N SER A 118 -13.77 22.42 -39.19
CA SER A 118 -13.90 21.48 -40.28
CA SER A 118 -13.92 21.49 -40.29
C SER A 118 -12.81 21.68 -41.32
N ALA A 119 -12.50 22.94 -41.64
CA ALA A 119 -11.47 23.24 -42.63
C ALA A 119 -10.11 22.69 -42.23
N LEU A 120 -9.87 22.49 -40.94
CA LEU A 120 -8.60 21.98 -40.48
C LEU A 120 -8.52 20.46 -40.52
N GLY A 121 -9.60 19.77 -40.90
CA GLY A 121 -9.61 18.32 -41.03
C GLY A 121 -10.08 17.55 -39.80
N PHE A 122 -10.59 18.21 -38.76
CA PHE A 122 -11.11 17.45 -37.63
C PHE A 122 -12.33 16.63 -38.08
N ARG A 123 -12.62 15.56 -37.32
CA ARG A 123 -13.73 14.70 -37.67
C ARG A 123 -14.87 14.72 -36.66
N GLN A 124 -14.62 15.15 -35.43
CA GLN A 124 -15.67 15.26 -34.42
C GLN A 124 -15.46 16.55 -33.64
N LEU A 125 -16.55 17.21 -33.29
CA LEU A 125 -16.50 18.39 -32.44
C LEU A 125 -17.35 18.07 -31.22
N LEU A 126 -16.76 18.21 -30.03
CA LEU A 126 -17.40 17.78 -28.79
C LEU A 126 -17.78 19.00 -27.97
N ALA A 127 -19.00 18.99 -27.43
CA ALA A 127 -19.41 20.00 -26.46
C ALA A 127 -19.47 19.36 -25.09
N VAL A 128 -18.74 19.90 -24.14
CA VAL A 128 -18.78 19.43 -22.76
C VAL A 128 -19.52 20.51 -21.97
N ILE A 129 -20.81 20.28 -21.73
CA ILE A 129 -21.72 21.33 -21.26
C ILE A 129 -21.87 21.20 -19.75
N GLY A 130 -21.37 22.19 -19.01
CA GLY A 130 -21.51 22.15 -17.56
C GLY A 130 -22.93 22.43 -17.12
N ASP A 131 -23.38 21.72 -16.08
CA ASP A 131 -24.71 21.92 -15.49
C ASP A 131 -25.79 21.91 -16.58
N GLY A 132 -25.83 20.81 -17.32
CA GLY A 132 -26.79 20.70 -18.41
C GLY A 132 -28.24 20.79 -17.98
N GLU A 133 -28.54 20.41 -16.74
CA GLU A 133 -29.91 20.51 -16.27
C GLU A 133 -30.37 21.96 -16.28
N HIS A 134 -29.49 22.88 -15.94
CA HIS A 134 -29.83 24.29 -15.82
C HIS A 134 -29.49 25.08 -17.08
N ASN A 135 -28.43 24.74 -17.78
CA ASN A 135 -27.95 25.56 -18.88
C ASN A 135 -28.60 25.12 -20.19
N ILE A 136 -29.91 25.36 -20.26
CA ILE A 136 -30.70 25.00 -21.42
C ILE A 136 -30.20 25.71 -22.67
N GLY A 137 -29.85 26.99 -22.53
CA GLY A 137 -29.32 27.74 -23.67
C GLY A 137 -28.15 27.05 -24.34
N SER A 138 -27.24 26.48 -23.54
CA SER A 138 -26.11 25.73 -24.08
C SER A 138 -26.57 24.52 -24.89
N VAL A 139 -27.46 23.73 -24.30
CA VAL A 139 -27.96 22.55 -24.99
C VAL A 139 -28.65 22.95 -26.29
N LYS A 140 -29.57 23.93 -26.22
CA LYS A 140 -30.33 24.34 -27.39
C LYS A 140 -29.43 24.94 -28.48
N LEU A 141 -28.43 25.73 -28.10
CA LEU A 141 -27.49 26.24 -29.08
C LEU A 141 -26.86 25.10 -29.86
N HIS A 142 -26.39 24.08 -29.15
CA HIS A 142 -25.67 23.00 -29.80
C HIS A 142 -26.62 22.13 -30.61
N GLU A 143 -27.82 21.82 -30.07
CA GLU A 143 -28.82 21.12 -30.87
C GLU A 143 -29.13 21.86 -32.17
N SER A 144 -29.22 23.20 -32.11
CA SER A 144 -29.66 23.97 -33.28
C SER A 144 -28.66 23.90 -34.43
N LEU A 145 -27.41 23.54 -34.14
CA LEU A 145 -26.39 23.38 -35.16
C LEU A 145 -26.03 21.91 -35.39
N GLY A 146 -26.92 21.00 -35.00
CA GLY A 146 -26.77 19.61 -35.38
C GLY A 146 -26.00 18.72 -34.43
N PHE A 147 -25.48 19.26 -33.31
CA PHE A 147 -24.88 18.38 -32.31
C PHE A 147 -25.92 17.39 -31.80
N THR A 148 -25.51 16.15 -31.56
CA THR A 148 -26.39 15.14 -30.99
C THR A 148 -25.92 14.77 -29.59
N HIS A 149 -26.85 14.38 -28.72
CA HIS A 149 -26.49 14.02 -27.36
C HIS A 149 -25.65 12.75 -27.37
N CYS A 150 -24.57 12.73 -26.60
CA CYS A 150 -23.75 11.53 -26.54
C CYS A 150 -23.33 11.18 -25.13
N GLY A 151 -23.99 11.75 -24.12
CA GLY A 151 -23.74 11.28 -22.77
C GLY A 151 -24.08 12.33 -21.74
N ARG A 152 -24.01 11.90 -20.48
CA ARG A 152 -24.36 12.77 -19.35
C ARG A 152 -23.71 12.19 -18.11
N ILE A 153 -22.70 12.88 -17.59
CA ILE A 153 -22.01 12.47 -16.37
C ILE A 153 -22.76 13.11 -15.20
N GLU A 154 -23.46 12.29 -14.41
CA GLU A 154 -24.26 12.83 -13.33
C GLU A 154 -23.39 13.23 -12.16
N GLY A 155 -23.72 14.35 -11.53
CA GLY A 155 -23.00 14.79 -10.34
C GLY A 155 -21.51 15.01 -10.57
N SER A 156 -21.15 15.53 -11.74
CA SER A 156 -19.74 15.73 -12.09
C SER A 156 -19.15 16.97 -11.44
N GLY A 157 -19.99 17.96 -11.10
CA GLY A 157 -19.52 19.18 -10.50
C GLY A 157 -20.34 19.55 -9.29
N PHE A 158 -19.73 20.32 -8.40
CA PHE A 158 -20.45 20.99 -7.32
C PHE A 158 -20.07 22.46 -7.35
N LYS A 159 -21.07 23.33 -7.48
CA LYS A 159 -20.81 24.76 -7.54
C LYS A 159 -22.09 25.50 -7.16
N HIS A 160 -21.92 26.64 -6.49
CA HIS A 160 -23.06 27.46 -6.06
C HIS A 160 -24.06 26.65 -5.23
N GLY A 161 -23.55 25.77 -4.37
CA GLY A 161 -24.37 24.99 -3.47
C GLY A 161 -25.14 23.84 -4.10
N ARG A 162 -24.86 23.47 -5.35
CA ARG A 162 -25.66 22.53 -6.13
C ARG A 162 -24.77 21.49 -6.79
N TRP A 163 -25.23 20.22 -6.82
CA TRP A 163 -24.62 19.24 -7.70
C TRP A 163 -25.00 19.50 -9.14
N LEU A 164 -24.06 19.24 -10.05
CA LEU A 164 -24.20 19.60 -11.46
C LEU A 164 -23.91 18.39 -12.33
N ASP A 165 -24.66 18.26 -13.42
CA ASP A 165 -24.43 17.20 -14.40
C ASP A 165 -23.75 17.79 -15.64
N THR A 166 -22.83 17.03 -16.21
CA THR A 166 -22.16 17.40 -17.44
C THR A 166 -22.87 16.73 -18.61
N VAL A 167 -23.32 17.53 -19.57
CA VAL A 167 -23.99 16.99 -20.76
C VAL A 167 -22.98 17.00 -21.90
N LEU A 168 -22.82 15.85 -22.56
CA LEU A 168 -21.90 15.75 -23.69
C LEU A 168 -22.70 15.67 -24.99
N MET A 169 -22.25 16.42 -25.99
CA MET A 169 -22.84 16.40 -27.31
C MET A 169 -21.74 16.41 -28.35
N GLN A 170 -22.00 15.86 -29.53
CA GLN A 170 -20.96 15.85 -30.55
C GLN A 170 -21.54 16.07 -31.94
N LEU A 171 -20.68 16.59 -32.82
CA LEU A 171 -21.01 16.91 -34.21
C LEU A 171 -19.95 16.29 -35.11
N PRO A 172 -20.31 15.40 -36.03
CA PRO A 172 -19.32 14.89 -36.97
C PRO A 172 -19.02 15.91 -38.04
N LEU A 173 -17.77 15.90 -38.50
CA LEU A 173 -17.29 16.82 -39.51
C LEU A 173 -16.56 16.02 -40.57
N ASN A 174 -16.63 16.48 -41.82
CA ASN A 174 -15.88 15.88 -42.91
C ASN A 174 -16.15 14.39 -43.03
N GLY A 175 -17.34 13.96 -42.63
CA GLY A 175 -17.71 12.55 -42.71
C GLY A 175 -17.59 11.80 -41.40
N GLY A 176 -17.07 12.43 -40.35
CA GLY A 176 -17.00 11.76 -39.06
C GLY A 176 -16.17 10.49 -39.13
N ARG A 177 -16.74 9.39 -38.63
CA ARG A 177 -16.03 8.11 -38.59
C ARG A 177 -16.45 7.17 -39.71
N SER A 178 -16.99 7.70 -40.81
CA SER A 178 -17.41 6.85 -41.92
C SER A 178 -16.32 6.63 -42.95
N THR A 179 -15.26 7.43 -42.94
CA THR A 179 -14.15 7.31 -43.88
C THR A 179 -12.82 7.40 -43.13
N GLU A 180 -11.76 6.94 -43.78
CA GLU A 180 -10.43 7.09 -43.21
C GLU A 180 -10.08 8.58 -43.09
N PRO A 181 -9.46 9.00 -41.99
CA PRO A 181 -9.13 10.41 -41.82
C PRO A 181 -7.95 10.81 -42.69
N GLY A 182 -7.82 12.13 -42.88
CA GLY A 182 -6.66 12.68 -43.53
C GLY A 182 -5.52 12.77 -42.53
N PRO A 183 -4.45 13.49 -42.89
CA PRO A 183 -3.34 13.66 -41.94
C PRO A 183 -3.86 14.32 -40.68
N SER A 184 -3.12 14.12 -39.58
CA SER A 184 -3.50 14.74 -38.33
C SER A 184 -3.69 16.24 -38.53
N PRO A 185 -4.81 16.82 -38.10
CA PRO A 185 -4.91 18.28 -38.14
C PRO A 185 -3.80 18.88 -37.29
N LEU A 186 -3.36 20.07 -37.68
CA LEU A 186 -2.42 20.86 -36.87
C LEU A 186 -1.06 20.18 -36.73
N SER A 187 -0.73 19.25 -37.61
CA SER A 187 0.56 18.56 -37.56
C SER A 187 1.65 19.43 -38.20
N HIS B 8 32.52 -43.24 31.88
CA HIS B 8 33.27 -42.44 32.84
C HIS B 8 32.63 -41.06 32.99
N MET B 9 32.63 -40.53 34.22
CA MET B 9 31.82 -39.35 34.46
C MET B 9 32.57 -38.09 34.02
N PRO B 10 31.89 -37.16 33.34
CA PRO B 10 32.55 -35.94 32.89
C PRO B 10 32.68 -34.92 34.02
N VAL B 11 33.56 -33.96 33.79
CA VAL B 11 33.63 -32.77 34.63
C VAL B 11 32.98 -31.63 33.85
N ILE B 12 32.27 -30.77 34.56
CA ILE B 12 31.69 -29.57 33.95
C ILE B 12 32.67 -28.44 34.20
N ARG B 13 33.09 -27.76 33.13
CA ARG B 13 34.03 -26.67 33.26
C ARG B 13 33.68 -25.55 32.29
N ASP B 14 34.27 -24.38 32.51
CA ASP B 14 34.11 -23.28 31.56
C ASP B 14 34.63 -23.67 30.19
N PHE B 15 33.88 -23.28 29.15
CA PHE B 15 34.36 -23.33 27.79
C PHE B 15 35.69 -22.59 27.64
N GLN B 16 36.59 -23.20 26.90
CA GLN B 16 37.82 -22.57 26.44
CA GLN B 16 37.86 -22.65 26.45
C GLN B 16 37.83 -22.53 24.92
N PRO B 17 38.43 -21.49 24.33
CA PRO B 17 38.33 -21.33 22.87
C PRO B 17 38.77 -22.56 22.06
N ALA B 18 39.70 -23.37 22.57
CA ALA B 18 40.13 -24.57 21.85
C ALA B 18 39.09 -25.67 21.87
N ASP B 19 38.00 -25.51 22.61
CA ASP B 19 36.89 -26.45 22.55
C ASP B 19 36.07 -26.32 21.28
N ILE B 20 36.33 -25.30 20.46
CA ILE B 20 35.37 -24.93 19.43
C ILE B 20 35.30 -26.00 18.34
N GLU B 21 36.40 -26.71 18.07
CA GLU B 21 36.36 -27.76 17.06
C GLU B 21 35.36 -28.84 17.44
N THR B 22 35.42 -29.32 18.69
CA THR B 22 34.52 -30.40 19.09
C THR B 22 33.10 -29.90 19.25
N ILE B 23 32.94 -28.69 19.79
CA ILE B 23 31.61 -28.09 19.89
C ILE B 23 30.98 -27.96 18.52
N THR B 24 31.77 -27.58 17.52
CA THR B 24 31.24 -27.44 16.15
C THR B 24 30.83 -28.79 15.60
N ALA B 25 31.63 -29.83 15.86
CA ALA B 25 31.26 -31.17 15.42
C ALA B 25 29.97 -31.64 16.09
N ILE B 26 29.81 -31.35 17.38
CA ILE B 26 28.60 -31.75 18.11
C ILE B 26 27.40 -31.03 17.55
N TYR B 27 27.51 -29.71 17.39
CA TYR B 27 26.38 -28.95 16.88
C TYR B 27 26.06 -29.34 15.44
N THR B 28 27.10 -29.60 14.64
CA THR B 28 26.89 -29.97 13.24
C THR B 28 26.05 -31.25 13.13
N GLN B 29 26.40 -32.26 13.94
CA GLN B 29 25.62 -33.50 13.88
CA GLN B 29 25.62 -33.51 13.92
C GLN B 29 24.18 -33.25 14.33
N ALA B 30 23.98 -32.43 15.36
CA ALA B 30 22.62 -32.10 15.79
C ALA B 30 21.85 -31.37 14.69
N VAL B 31 22.47 -30.41 14.03
CA VAL B 31 21.80 -29.66 12.97
C VAL B 31 21.40 -30.59 11.84
N LEU B 32 22.33 -31.48 11.44
CA LEU B 32 22.10 -32.34 10.29
C LEU B 32 21.11 -33.46 10.59
N THR B 33 21.15 -34.03 11.80
CA THR B 33 20.37 -35.24 12.04
C THR B 33 19.15 -35.04 12.91
N GLY B 34 18.99 -33.89 13.57
CA GLY B 34 17.94 -33.70 14.54
C GLY B 34 17.14 -32.44 14.27
N THR B 35 16.09 -32.28 15.08
CA THR B 35 15.17 -31.16 14.94
C THR B 35 15.16 -30.26 16.15
N GLY B 36 16.02 -30.52 17.15
CA GLY B 36 16.16 -29.58 18.24
C GLY B 36 16.61 -28.22 17.76
N SER B 37 17.53 -28.20 16.79
CA SER B 37 17.97 -26.97 16.16
C SER B 37 17.14 -26.69 14.91
N TYR B 38 16.66 -25.46 14.76
CA TYR B 38 15.95 -25.06 13.54
C TYR B 38 16.89 -24.49 12.48
N GLU B 39 18.20 -24.54 12.70
CA GLU B 39 19.12 -24.30 11.61
C GLU B 39 19.09 -25.49 10.66
N ILE B 40 19.41 -25.23 9.39
CA ILE B 40 19.39 -26.26 8.36
C ILE B 40 20.82 -26.54 7.87
N GLU B 41 21.50 -25.53 7.40
CA GLU B 41 22.91 -25.65 7.06
C GLU B 41 23.75 -25.40 8.30
N PRO B 42 24.62 -26.33 8.67
CA PRO B 42 25.43 -26.14 9.88
C PRO B 42 26.35 -24.95 9.73
N PRO B 43 26.54 -24.15 10.78
CA PRO B 43 27.55 -23.08 10.72
C PRO B 43 28.95 -23.68 10.67
N THR B 44 29.87 -22.91 10.10
CA THR B 44 31.27 -23.32 10.10
C THR B 44 31.87 -23.17 11.48
N MET B 45 33.07 -23.73 11.64
CA MET B 45 33.78 -23.61 12.90
C MET B 45 34.09 -22.15 13.22
N ASP B 46 34.45 -21.37 12.19
CA ASP B 46 34.74 -19.96 12.41
C ASP B 46 33.49 -19.21 12.89
N GLU B 47 32.34 -19.48 12.27
CA GLU B 47 31.11 -18.81 12.70
C GLU B 47 30.74 -19.22 14.12
N MET B 48 30.97 -20.49 14.48
CA MET B 48 30.71 -20.93 15.85
C MET B 48 31.62 -20.20 16.84
N ALA B 49 32.90 -20.07 16.50
CA ALA B 49 33.82 -19.32 17.35
C ALA B 49 33.37 -17.88 17.53
N LYS B 50 32.91 -17.26 16.46
CA LYS B 50 32.41 -15.89 16.57
C LYS B 50 31.16 -15.82 17.44
N ARG B 51 30.24 -16.77 17.28
CA ARG B 51 29.03 -16.79 18.09
C ARG B 51 29.38 -16.91 19.56
N PHE B 52 30.26 -17.85 19.91
CA PHE B 52 30.60 -18.05 21.31
C PHE B 52 31.37 -16.86 21.87
N ALA B 53 32.26 -16.26 21.07
CA ALA B 53 32.93 -15.05 21.53
C ALA B 53 31.92 -13.93 21.83
N ALA B 54 30.87 -13.82 21.02
CA ALA B 54 29.87 -12.78 21.25
C ALA B 54 29.06 -13.05 22.53
N PHE B 55 28.67 -14.31 22.77
CA PHE B 55 28.00 -14.63 24.04
C PHE B 55 28.89 -14.31 25.22
N ALA B 56 30.16 -14.67 25.15
CA ALA B 56 31.08 -14.43 26.25
C ALA B 56 31.28 -12.94 26.46
N ASP B 57 31.35 -12.18 25.38
CA ASP B 57 31.54 -10.75 25.51
C ASP B 57 30.32 -10.07 26.13
N GLN B 58 29.12 -10.58 25.86
CA GLN B 58 27.93 -10.11 26.57
C GLN B 58 28.01 -10.46 28.05
N GLY B 59 28.73 -11.51 28.41
CA GLY B 59 28.90 -11.92 29.80
C GLY B 59 28.22 -13.22 30.17
N PHE B 60 27.68 -13.96 29.18
CA PHE B 60 26.94 -15.18 29.46
C PHE B 60 27.88 -16.36 29.70
N PRO B 61 27.56 -17.25 30.63
CA PRO B 61 28.40 -18.44 30.82
C PRO B 61 28.27 -19.42 29.67
N ILE B 62 29.39 -20.09 29.38
CA ILE B 62 29.44 -21.18 28.40
C ILE B 62 30.17 -22.34 29.07
N LEU B 63 29.49 -23.49 29.17
CA LEU B 63 30.01 -24.63 29.91
C LEU B 63 30.19 -25.82 28.98
N VAL B 64 31.17 -26.66 29.29
CA VAL B 64 31.37 -27.90 28.55
C VAL B 64 31.48 -29.06 29.52
N ALA B 65 31.08 -30.24 29.06
CA ALA B 65 31.25 -31.48 29.80
C ALA B 65 32.37 -32.29 29.14
N GLU B 66 33.38 -32.67 29.92
CA GLU B 66 34.57 -33.28 29.38
C GLU B 66 34.91 -34.55 30.16
N ALA B 67 35.17 -35.64 29.45
CA ALA B 67 35.68 -36.87 30.04
C ALA B 67 36.70 -37.49 29.12
N ASP B 68 37.78 -38.02 29.71
CA ASP B 68 38.82 -38.74 28.97
C ASP B 68 39.41 -37.89 27.85
N GLY B 69 39.57 -36.60 28.11
CA GLY B 69 40.13 -35.67 27.15
C GLY B 69 39.16 -35.10 26.13
N ARG B 70 37.92 -35.61 26.07
CA ARG B 70 36.98 -35.27 25.01
C ARG B 70 35.81 -34.45 25.56
N VAL B 71 35.43 -33.40 24.83
CA VAL B 71 34.23 -32.64 25.13
C VAL B 71 33.02 -33.44 24.66
N LEU B 72 32.11 -33.76 25.58
CA LEU B 72 30.96 -34.60 25.29
C LEU B 72 29.68 -33.79 25.07
N GLY B 73 29.69 -32.52 25.41
CA GLY B 73 28.47 -31.72 25.39
C GLY B 73 28.81 -30.32 25.85
N TYR B 74 27.89 -29.39 25.54
CA TYR B 74 28.08 -28.01 25.94
C TYR B 74 26.73 -27.38 26.26
N ALA B 75 26.78 -26.29 27.02
CA ALA B 75 25.58 -25.53 27.33
C ALA B 75 25.96 -24.06 27.45
N TYR B 76 25.02 -23.19 27.06
CA TYR B 76 25.24 -21.77 27.24
C TYR B 76 23.90 -21.09 27.47
N ALA B 77 23.97 -19.88 28.00
CA ALA B 77 22.80 -19.03 28.10
C ALA B 77 22.98 -17.80 27.21
N SER B 78 21.85 -17.22 26.83
CA SER B 78 21.85 -15.99 26.04
C SER B 78 20.54 -15.27 26.31
N TYR B 79 20.37 -14.09 25.69
CA TYR B 79 19.09 -13.41 25.78
C TYR B 79 18.03 -14.12 24.94
N PHE B 80 16.79 -14.09 25.43
CA PHE B 80 15.66 -14.44 24.57
C PHE B 80 15.45 -13.35 23.52
N ARG B 81 15.30 -12.11 23.98
CA ARG B 81 15.29 -10.93 23.13
C ARG B 81 16.06 -9.84 23.87
N VAL B 82 16.54 -8.85 23.11
CA VAL B 82 17.54 -7.91 23.63
C VAL B 82 16.96 -6.58 24.11
N ARG B 83 15.68 -6.30 23.90
CA ARG B 83 15.15 -5.03 24.42
C ARG B 83 15.31 -4.95 25.95
N PRO B 84 15.50 -3.74 26.49
CA PRO B 84 15.92 -3.63 27.91
C PRO B 84 15.00 -4.26 28.93
N ALA B 85 13.68 -4.29 28.71
CA ALA B 85 12.81 -4.85 29.74
C ALA B 85 13.02 -6.36 29.89
N TYR B 86 13.62 -7.02 28.90
CA TYR B 86 13.91 -8.45 28.96
C TYR B 86 15.22 -8.78 29.70
N ARG B 87 15.90 -7.79 30.30
CA ARG B 87 17.28 -8.01 30.74
C ARG B 87 17.43 -9.01 31.90
N TRP B 88 16.34 -9.39 32.57
CA TRP B 88 16.40 -10.38 33.63
C TRP B 88 15.91 -11.75 33.14
N LEU B 89 15.75 -11.91 31.83
CA LEU B 89 15.31 -13.16 31.22
C LEU B 89 16.47 -13.71 30.39
N ALA B 90 16.86 -14.96 30.69
CA ALA B 90 17.86 -15.66 29.91
C ALA B 90 17.24 -16.92 29.32
N GLU B 91 17.91 -17.47 28.31
CA GLU B 91 17.46 -18.66 27.61
C GLU B 91 18.62 -19.66 27.60
N ASP B 92 18.33 -20.96 27.78
CA ASP B 92 19.39 -21.96 27.80
C ASP B 92 19.42 -22.71 26.48
N SER B 93 20.62 -23.20 26.12
CA SER B 93 20.79 -24.12 24.98
C SER B 93 21.75 -25.21 25.41
N ILE B 94 21.45 -26.46 25.06
CA ILE B 94 22.30 -27.57 25.48
CA ILE B 94 22.25 -27.60 25.51
C ILE B 94 22.31 -28.61 24.38
N TYR B 95 23.52 -29.12 24.08
CA TYR B 95 23.76 -30.10 23.03
C TYR B 95 24.76 -31.13 23.54
N ILE B 96 24.39 -32.40 23.44
CA ILE B 96 25.20 -33.54 23.89
C ILE B 96 25.57 -34.34 22.67
N ALA B 97 26.79 -34.87 22.65
CA ALA B 97 27.21 -35.75 21.57
C ALA B 97 26.38 -37.04 21.58
N PRO B 98 26.10 -37.60 20.40
CA PRO B 98 25.21 -38.78 20.35
C PRO B 98 25.64 -39.93 21.25
N ASP B 99 26.92 -40.29 21.22
CA ASP B 99 27.31 -41.43 22.05
C ASP B 99 27.37 -41.09 23.54
N ALA B 100 27.00 -39.86 23.93
CA ALA B 100 27.00 -39.46 25.34
C ALA B 100 25.61 -39.11 25.86
N LYS B 101 24.55 -39.34 25.08
CA LYS B 101 23.21 -38.99 25.51
C LYS B 101 22.66 -40.04 26.48
N GLY B 102 21.60 -39.66 27.19
CA GLY B 102 20.96 -40.56 28.14
C GLY B 102 21.88 -41.06 29.25
N GLN B 103 22.88 -40.25 29.64
CA GLN B 103 23.84 -40.62 30.67
C GLN B 103 23.86 -39.64 31.84
N GLY B 104 22.91 -38.70 31.88
CA GLY B 104 22.91 -37.69 32.90
C GLY B 104 23.72 -36.44 32.60
N ILE B 105 24.35 -36.36 31.44
CA ILE B 105 25.27 -35.25 31.19
C ILE B 105 24.51 -33.95 30.89
N GLY B 106 23.41 -34.05 30.16
CA GLY B 106 22.55 -32.88 30.01
C GLY B 106 22.11 -32.30 31.34
N LYS B 107 21.75 -33.18 32.28
CA LYS B 107 21.35 -32.72 33.59
C LYS B 107 22.52 -32.07 34.34
N LEU B 108 23.70 -32.67 34.26
CA LEU B 108 24.89 -32.06 34.88
C LEU B 108 25.14 -30.66 34.32
N LEU B 109 25.09 -30.53 33.00
CA LEU B 109 25.36 -29.25 32.36
C LEU B 109 24.31 -28.21 32.73
N LEU B 110 23.03 -28.58 32.63
CA LEU B 110 21.98 -27.60 32.85
C LEU B 110 21.92 -27.17 34.31
N ARG B 111 22.16 -28.12 35.24
CA ARG B 111 22.19 -27.76 36.65
C ARG B 111 23.25 -26.71 36.93
N GLU B 112 24.44 -26.85 36.34
CA GLU B 112 25.48 -25.86 36.57
C GLU B 112 25.18 -24.56 35.84
N LEU B 113 24.59 -24.64 34.65
CA LEU B 113 24.18 -23.42 33.96
C LEU B 113 23.16 -22.65 34.77
N ILE B 114 22.22 -23.36 35.40
CA ILE B 114 21.25 -22.69 36.27
C ILE B 114 21.96 -21.94 37.38
N ALA B 115 22.94 -22.58 38.02
CA ALA B 115 23.72 -21.93 39.08
C ALA B 115 24.44 -20.70 38.58
N ARG B 116 25.11 -20.81 37.43
CA ARG B 116 25.88 -19.67 36.91
C ARG B 116 24.97 -18.52 36.50
N ILE B 117 23.85 -18.84 35.84
CA ILE B 117 22.92 -17.80 35.42
C ILE B 117 22.24 -17.16 36.61
N SER B 118 21.90 -17.96 37.64
CA SER B 118 21.34 -17.41 38.87
CA SER B 118 21.34 -17.41 38.87
C SER B 118 22.32 -16.46 39.55
N ALA B 119 23.62 -16.82 39.56
CA ALA B 119 24.61 -15.99 40.22
C ALA B 119 24.76 -14.63 39.56
N LEU B 120 24.35 -14.50 38.30
CA LEU B 120 24.43 -13.23 37.58
C LEU B 120 23.20 -12.34 37.81
N GLY B 121 22.20 -12.81 38.53
CA GLY B 121 21.05 -12.00 38.88
C GLY B 121 19.85 -12.13 37.96
N PHE B 122 19.85 -13.09 37.05
CA PHE B 122 18.66 -13.30 36.24
C PHE B 122 17.52 -13.81 37.09
N ARG B 123 16.29 -13.60 36.61
CA ARG B 123 15.09 -13.99 37.33
C ARG B 123 14.26 -15.06 36.63
N GLN B 124 14.49 -15.31 35.35
CA GLN B 124 13.76 -16.34 34.62
C GLN B 124 14.71 -16.95 33.60
N LEU B 125 14.67 -18.27 33.50
CA LEU B 125 15.44 -18.98 32.49
C LEU B 125 14.46 -19.73 31.59
N LEU B 126 14.53 -19.46 30.30
CA LEU B 126 13.54 -19.92 29.34
C LEU B 126 14.16 -21.01 28.46
N ALA B 127 13.43 -22.09 28.25
CA ALA B 127 13.85 -23.11 27.28
C ALA B 127 12.92 -23.04 26.09
N VAL B 128 13.49 -22.84 24.91
CA VAL B 128 12.74 -22.81 23.65
C VAL B 128 13.07 -24.13 22.95
N ILE B 129 12.20 -25.11 23.11
CA ILE B 129 12.50 -26.48 22.71
C ILE B 129 11.96 -26.73 21.31
N GLY B 130 12.85 -26.87 20.33
CA GLY B 130 12.39 -27.20 18.97
C GLY B 130 11.86 -28.63 18.88
N ASP B 131 10.82 -28.80 18.07
CA ASP B 131 10.15 -30.09 17.85
C ASP B 131 9.83 -30.77 19.18
N GLY B 132 9.12 -30.03 20.04
CA GLY B 132 8.88 -30.53 21.38
C GLY B 132 8.08 -31.82 21.43
N GLU B 133 7.21 -32.04 20.44
CA GLU B 133 6.42 -33.28 20.39
C GLU B 133 7.33 -34.49 20.33
N HIS B 134 8.43 -34.37 19.58
CA HIS B 134 9.33 -35.48 19.31
C HIS B 134 10.54 -35.49 20.23
N ASN B 135 11.02 -34.33 20.65
CA ASN B 135 12.25 -34.25 21.44
C ASN B 135 11.92 -34.38 22.93
N ILE B 136 11.50 -35.60 23.28
CA ILE B 136 11.14 -35.98 24.66
C ILE B 136 12.29 -35.70 25.62
N GLY B 137 13.51 -36.08 25.22
CA GLY B 137 14.67 -35.83 26.06
C GLY B 137 14.78 -34.38 26.51
N SER B 138 14.57 -33.45 25.58
CA SER B 138 14.66 -32.03 25.94
C SER B 138 13.60 -31.67 26.98
N VAL B 139 12.36 -32.09 26.75
CA VAL B 139 11.28 -31.76 27.69
C VAL B 139 11.56 -32.38 29.05
N LYS B 140 11.92 -33.67 29.06
CA LYS B 140 12.13 -34.36 30.35
C LYS B 140 13.36 -33.81 31.09
N LEU B 141 14.42 -33.46 30.36
CA LEU B 141 15.56 -32.83 30.99
C LEU B 141 15.14 -31.58 31.76
N HIS B 142 14.40 -30.70 31.11
CA HIS B 142 14.01 -29.45 31.75
C HIS B 142 13.01 -29.69 32.87
N GLU B 143 12.04 -30.59 32.65
CA GLU B 143 11.13 -30.98 33.74
C GLU B 143 11.90 -31.51 34.95
N SER B 144 12.97 -32.28 34.71
CA SER B 144 13.68 -32.88 35.83
C SER B 144 14.40 -31.84 36.68
N LEU B 145 14.65 -30.64 36.14
CA LEU B 145 15.30 -29.59 36.92
C LEU B 145 14.32 -28.46 37.27
N GLY B 146 13.03 -28.76 37.31
CA GLY B 146 12.05 -27.83 37.83
C GLY B 146 11.44 -26.86 36.84
N PHE B 147 11.77 -26.94 35.54
CA PHE B 147 11.09 -26.07 34.58
C PHE B 147 9.63 -26.45 34.49
N THR B 148 8.79 -25.47 34.18
CA THR B 148 7.36 -25.69 34.02
C THR B 148 6.95 -25.25 32.62
N HIS B 149 5.97 -25.95 32.07
CA HIS B 149 5.50 -25.64 30.73
C HIS B 149 4.85 -24.27 30.73
N CYS B 150 5.18 -23.45 29.72
CA CYS B 150 4.58 -22.13 29.64
C CYS B 150 4.17 -21.77 28.22
N GLY B 151 4.06 -22.74 27.32
CA GLY B 151 3.53 -22.44 26.01
C GLY B 151 3.97 -23.44 24.97
N ARG B 152 3.31 -23.37 23.82
CA ARG B 152 3.62 -24.26 22.70
C ARG B 152 3.18 -23.55 21.43
N ILE B 153 4.14 -23.27 20.55
CA ILE B 153 3.83 -22.63 19.26
C ILE B 153 3.70 -23.74 18.23
N GLU B 154 2.46 -24.01 17.82
CA GLU B 154 2.22 -25.11 16.91
C GLU B 154 2.70 -24.78 15.52
N GLY B 155 3.34 -25.76 14.87
CA GLY B 155 3.71 -25.60 13.48
C GLY B 155 4.69 -24.47 13.26
N SER B 156 5.53 -24.20 14.24
CA SER B 156 6.50 -23.12 14.17
C SER B 156 7.65 -23.45 13.23
N GLY B 157 7.96 -24.73 13.05
CA GLY B 157 9.09 -25.11 12.23
C GLY B 157 8.72 -26.13 11.18
N PHE B 158 9.46 -26.10 10.07
CA PHE B 158 9.39 -27.19 9.09
C PHE B 158 10.81 -27.63 8.76
N LYS B 159 11.11 -28.90 8.98
CA LYS B 159 12.46 -29.40 8.80
C LYS B 159 12.39 -30.91 8.66
N HIS B 160 13.26 -31.45 7.80
CA HIS B 160 13.30 -32.89 7.54
C HIS B 160 11.92 -33.42 7.14
N GLY B 161 11.20 -32.60 6.38
CA GLY B 161 9.95 -33.01 5.78
C GLY B 161 8.73 -33.01 6.69
N ARG B 162 8.80 -32.39 7.88
CA ARG B 162 7.62 -32.39 8.76
C ARG B 162 7.53 -31.10 9.54
N TRP B 163 6.29 -30.79 9.95
CA TRP B 163 6.02 -29.63 10.80
C TRP B 163 6.43 -29.92 12.24
N LEU B 164 6.99 -28.90 12.89
CA LEU B 164 7.52 -29.00 14.24
C LEU B 164 6.81 -27.98 15.14
N ASP B 165 6.55 -28.36 16.38
CA ASP B 165 6.05 -27.41 17.38
C ASP B 165 7.19 -26.97 18.29
N THR B 166 7.11 -25.72 18.76
CA THR B 166 8.06 -25.21 19.73
C THR B 166 7.44 -25.30 21.12
N VAL B 167 8.07 -26.06 22.02
CA VAL B 167 7.60 -26.13 23.39
C VAL B 167 8.40 -25.13 24.22
N LEU B 168 7.71 -24.29 24.98
CA LEU B 168 8.35 -23.30 25.84
C LEU B 168 8.24 -23.74 27.28
N MET B 169 9.34 -23.64 28.01
CA MET B 169 9.34 -23.97 29.44
C MET B 169 10.16 -22.90 30.15
N GLN B 170 9.88 -22.69 31.44
CA GLN B 170 10.63 -21.67 32.16
C GLN B 170 10.86 -22.08 33.61
N LEU B 171 11.90 -21.47 34.18
CA LEU B 171 12.33 -21.73 35.55
C LEU B 171 12.59 -20.40 36.23
N PRO B 172 11.90 -20.07 37.33
CA PRO B 172 12.20 -18.83 38.05
C PRO B 172 13.52 -18.95 38.78
N LEU B 173 14.27 -17.86 38.81
CA LEU B 173 15.53 -17.78 39.55
C LEU B 173 15.46 -16.62 40.53
N ASN B 174 16.16 -16.76 41.66
CA ASN B 174 16.29 -15.67 42.64
C ASN B 174 14.95 -15.10 43.04
N GLY B 175 13.92 -15.94 43.12
CA GLY B 175 12.60 -15.47 43.49
C GLY B 175 11.72 -15.06 42.33
N GLY B 176 12.20 -15.15 41.09
CA GLY B 176 11.33 -14.91 39.95
C GLY B 176 10.77 -13.50 39.95
N ARG B 177 9.45 -13.39 39.80
CA ARG B 177 8.79 -12.10 39.75
C ARG B 177 8.15 -11.73 41.08
N SER B 178 8.56 -12.38 42.16
CA SER B 178 7.94 -12.17 43.46
C SER B 178 8.59 -11.05 44.26
N THR B 179 9.77 -10.60 43.86
CA THR B 179 10.48 -9.52 44.53
C THR B 179 10.99 -8.54 43.48
N GLU B 180 11.35 -7.35 43.95
CA GLU B 180 11.99 -6.36 43.10
C GLU B 180 13.32 -6.90 42.59
N PRO B 181 13.67 -6.66 41.33
CA PRO B 181 14.93 -7.17 40.80
C PRO B 181 16.13 -6.36 41.28
N GLY B 182 17.29 -6.99 41.23
CA GLY B 182 18.52 -6.27 41.44
C GLY B 182 18.86 -5.46 40.21
N PRO B 183 20.04 -4.85 40.18
CA PRO B 183 20.50 -4.20 38.93
C PRO B 183 20.38 -5.18 37.77
N SER B 184 20.21 -4.64 36.57
CA SER B 184 20.09 -5.48 35.39
C SER B 184 21.35 -6.33 35.26
N PRO B 185 21.21 -7.65 35.07
CA PRO B 185 22.41 -8.49 34.95
C PRO B 185 23.29 -8.01 33.81
N LEU B 186 24.58 -8.27 33.94
CA LEU B 186 25.51 -7.95 32.87
C LEU B 186 25.56 -6.46 32.55
N SER B 187 25.10 -5.61 33.48
CA SER B 187 25.14 -4.17 33.28
C SER B 187 26.59 -3.71 33.25
N MET C 9 -13.59 8.00 7.10
CA MET C 9 -13.27 6.59 7.24
C MET C 9 -11.78 6.39 6.95
N PRO C 10 -11.09 5.70 7.85
CA PRO C 10 -9.65 5.52 7.69
C PRO C 10 -9.33 4.65 6.48
N VAL C 11 -8.18 4.91 5.89
CA VAL C 11 -7.68 4.13 4.77
C VAL C 11 -6.46 3.35 5.23
N ILE C 12 -6.35 2.11 4.77
CA ILE C 12 -5.21 1.24 5.05
C ILE C 12 -4.34 1.19 3.80
N ARG C 13 -3.08 1.59 3.94
CA ARG C 13 -2.19 1.66 2.79
C ARG C 13 -0.78 1.29 3.24
N ASP C 14 0.11 1.13 2.26
CA ASP C 14 1.48 0.79 2.58
C ASP C 14 2.21 2.00 3.15
N PHE C 15 3.12 1.71 4.06
CA PHE C 15 4.00 2.73 4.61
C PHE C 15 4.80 3.41 3.50
N GLN C 16 4.86 4.74 3.56
CA GLN C 16 5.65 5.62 2.71
CA GLN C 16 5.73 5.51 2.70
C GLN C 16 6.72 6.31 3.55
N PRO C 17 7.93 6.53 3.04
CA PRO C 17 8.98 7.14 3.86
C PRO C 17 8.59 8.46 4.53
N ALA C 18 7.66 9.22 3.95
CA ALA C 18 7.18 10.44 4.60
C ALA C 18 6.38 10.15 5.87
N ASP C 19 6.02 8.89 6.14
CA ASP C 19 5.31 8.55 7.35
C ASP C 19 6.21 8.42 8.56
N ILE C 20 7.52 8.36 8.35
CA ILE C 20 8.43 7.92 9.41
C ILE C 20 8.39 8.88 10.60
N GLU C 21 8.12 10.16 10.35
CA GLU C 21 8.05 11.13 11.43
C GLU C 21 6.91 10.81 12.39
N THR C 22 5.70 10.67 11.86
CA THR C 22 4.54 10.40 12.71
C THR C 22 4.63 9.02 13.34
N ILE C 23 5.14 8.04 12.60
CA ILE C 23 5.29 6.70 13.14
C ILE C 23 6.24 6.72 14.33
N THR C 24 7.35 7.46 14.21
CA THR C 24 8.25 7.62 15.34
C THR C 24 7.53 8.28 16.52
N ALA C 25 6.68 9.27 16.24
CA ALA C 25 5.92 9.93 17.31
C ALA C 25 4.97 8.96 17.99
N ILE C 26 4.30 8.11 17.22
CA ILE C 26 3.39 7.12 17.80
C ILE C 26 4.14 6.12 18.65
N TYR C 27 5.23 5.57 18.11
CA TYR C 27 6.00 4.59 18.86
C TYR C 27 6.65 5.23 20.09
N THR C 28 7.18 6.44 19.94
CA THR C 28 7.80 7.13 21.08
C THR C 28 6.84 7.22 22.26
N GLN C 29 5.59 7.57 22.01
CA GLN C 29 4.62 7.67 23.10
CA GLN C 29 4.63 7.66 23.11
C GLN C 29 4.31 6.29 23.67
N ALA C 30 4.26 5.25 22.81
CA ALA C 30 4.05 3.91 23.32
C ALA C 30 5.18 3.48 24.24
N VAL C 31 6.43 3.76 23.83
CA VAL C 31 7.59 3.38 24.63
C VAL C 31 7.57 4.07 25.99
N LEU C 32 7.30 5.38 25.99
CA LEU C 32 7.37 6.15 27.23
C LEU C 32 6.20 5.83 28.16
N THR C 33 5.01 5.61 27.61
CA THR C 33 3.81 5.53 28.42
C THR C 33 3.26 4.12 28.61
N GLY C 34 3.62 3.17 27.75
CA GLY C 34 3.03 1.85 27.77
C GLY C 34 4.04 0.76 28.06
N THR C 35 3.52 -0.43 28.31
CA THR C 35 4.33 -1.62 28.51
C THR C 35 4.15 -2.62 27.39
N GLY C 36 3.43 -2.27 26.32
CA GLY C 36 3.38 -3.14 25.15
C GLY C 36 4.75 -3.29 24.51
N SER C 37 5.50 -2.20 24.44
CA SER C 37 6.89 -2.26 24.00
C SER C 37 7.78 -2.51 25.21
N TYR C 38 8.78 -3.39 25.04
CA TYR C 38 9.75 -3.62 26.11
C TYR C 38 10.99 -2.76 25.93
N GLU C 39 10.97 -1.82 25.00
CA GLU C 39 11.98 -0.79 24.98
C GLU C 39 11.66 0.25 26.05
N ILE C 40 12.71 0.93 26.50
CA ILE C 40 12.59 1.95 27.53
C ILE C 40 12.97 3.33 27.01
N GLU C 41 14.05 3.42 26.20
CA GLU C 41 14.43 4.65 25.53
C GLU C 41 13.84 4.67 24.13
N PRO C 42 13.05 5.68 23.76
CA PRO C 42 12.50 5.74 22.40
C PRO C 42 13.60 5.84 21.37
N PRO C 43 13.55 5.02 20.31
CA PRO C 43 14.55 5.13 19.25
C PRO C 43 14.37 6.41 18.46
N THR C 44 15.44 6.82 17.79
CA THR C 44 15.40 8.01 16.95
C THR C 44 14.62 7.72 15.65
N MET C 45 14.26 8.82 14.97
CA MET C 45 13.63 8.72 13.66
CA MET C 45 13.63 8.72 13.67
C MET C 45 14.52 7.97 12.68
N ASP C 46 15.83 8.17 12.77
CA ASP C 46 16.76 7.47 11.90
C ASP C 46 16.76 5.98 12.19
N GLU C 47 16.76 5.60 13.47
CA GLU C 47 16.75 4.20 13.83
C GLU C 47 15.45 3.54 13.36
N MET C 48 14.33 4.23 13.51
CA MET C 48 13.05 3.72 13.01
C MET C 48 13.08 3.53 11.50
N ALA C 49 13.71 4.46 10.77
CA ALA C 49 13.82 4.31 9.32
C ALA C 49 14.65 3.09 8.96
N LYS C 50 15.77 2.88 9.67
CA LYS C 50 16.60 1.70 9.41
C LYS C 50 15.84 0.41 9.72
N ARG C 51 15.13 0.37 10.85
CA ARG C 51 14.32 -0.80 11.16
C ARG C 51 13.31 -1.10 10.06
N PHE C 52 12.58 -0.08 9.61
CA PHE C 52 11.56 -0.32 8.60
C PHE C 52 12.18 -0.66 7.24
N ALA C 53 13.30 -0.05 6.89
CA ALA C 53 14.00 -0.43 5.68
C ALA C 53 14.40 -1.91 5.72
N ALA C 54 14.80 -2.39 6.89
CA ALA C 54 15.22 -3.79 6.99
C ALA C 54 14.05 -4.74 6.82
N PHE C 55 12.91 -4.45 7.46
CA PHE C 55 11.70 -5.24 7.26
C PHE C 55 11.32 -5.27 5.79
N ALA C 56 11.36 -4.12 5.12
CA ALA C 56 10.98 -4.06 3.72
C ALA C 56 11.97 -4.81 2.85
N ASP C 57 13.28 -4.67 3.14
CA ASP C 57 14.30 -5.40 2.41
C ASP C 57 14.08 -6.91 2.51
N GLN C 58 13.62 -7.40 3.66
CA GLN C 58 13.31 -8.82 3.82
C GLN C 58 12.04 -9.21 3.07
N GLY C 59 11.18 -8.25 2.73
CA GLY C 59 9.97 -8.54 1.99
C GLY C 59 8.70 -8.41 2.80
N PHE C 60 8.78 -7.98 4.04
CA PHE C 60 7.60 -7.91 4.90
C PHE C 60 6.75 -6.69 4.59
N PRO C 61 5.43 -6.80 4.71
CA PRO C 61 4.57 -5.64 4.55
C PRO C 61 4.64 -4.71 5.75
N ILE C 62 4.49 -3.42 5.48
CA ILE C 62 4.42 -2.39 6.51
C ILE C 62 3.22 -1.51 6.19
N LEU C 63 2.23 -1.50 7.07
CA LEU C 63 0.95 -0.85 6.77
C LEU C 63 0.73 0.34 7.68
N VAL C 64 -0.02 1.33 7.19
CA VAL C 64 -0.41 2.47 8.01
C VAL C 64 -1.89 2.70 7.84
N ALA C 65 -2.49 3.27 8.87
CA ALA C 65 -3.87 3.74 8.81
C ALA C 65 -3.84 5.26 8.78
N GLU C 66 -4.56 5.85 7.83
CA GLU C 66 -4.53 7.29 7.61
C GLU C 66 -5.95 7.83 7.55
N ALA C 67 -6.15 9.00 8.14
CA ALA C 67 -7.43 9.69 8.01
C ALA C 67 -7.18 11.19 8.03
N ASP C 68 -7.83 11.91 7.12
CA ASP C 68 -7.65 13.35 6.96
C ASP C 68 -6.16 13.70 6.89
N GLY C 69 -5.41 12.92 6.12
CA GLY C 69 -4.01 13.16 5.92
C GLY C 69 -3.10 12.88 7.09
N ARG C 70 -3.62 12.32 8.19
CA ARG C 70 -2.81 12.02 9.37
C ARG C 70 -2.73 10.50 9.55
N VAL C 71 -1.52 10.01 9.81
CA VAL C 71 -1.34 8.60 10.14
C VAL C 71 -1.80 8.36 11.57
N LEU C 72 -2.71 7.39 11.74
CA LEU C 72 -3.32 7.07 13.03
C LEU C 72 -2.69 5.86 13.70
N GLY C 73 -1.95 5.05 12.96
CA GLY C 73 -1.32 3.88 13.54
C GLY C 73 -0.63 3.11 12.43
N TYR C 74 0.06 2.06 12.84
CA TYR C 74 0.80 1.27 11.86
C TYR C 74 0.91 -0.16 12.34
N ALA C 75 1.23 -1.04 11.38
CA ALA C 75 1.41 -2.46 11.66
C ALA C 75 2.44 -3.02 10.69
N TYR C 76 3.23 -3.98 11.16
CA TYR C 76 4.17 -4.64 10.28
C TYR C 76 4.31 -6.09 10.73
N ALA C 77 4.83 -6.91 9.81
CA ALA C 77 5.19 -8.26 10.16
C ALA C 77 6.70 -8.40 10.09
N SER C 78 7.22 -9.40 10.80
CA SER C 78 8.64 -9.70 10.76
C SER C 78 8.79 -11.16 11.19
N TYR C 79 10.01 -11.66 11.14
CA TYR C 79 10.25 -13.02 11.61
C TYR C 79 10.21 -13.07 13.13
N PHE C 80 9.65 -14.16 13.67
CA PHE C 80 9.82 -14.45 15.09
C PHE C 80 11.30 -14.70 15.39
N ARG C 81 11.90 -15.67 14.71
CA ARG C 81 13.34 -15.92 14.77
C ARG C 81 13.82 -16.19 13.36
N VAL C 82 15.12 -16.00 13.11
CA VAL C 82 15.58 -16.03 11.73
C VAL C 82 16.12 -17.36 11.25
N ARG C 83 16.28 -18.37 12.13
CA ARG C 83 16.77 -19.65 11.65
C ARG C 83 15.82 -20.23 10.61
N PRO C 84 16.34 -20.94 9.59
CA PRO C 84 15.51 -21.21 8.38
C PRO C 84 14.29 -22.09 8.61
N ALA C 85 14.28 -23.00 9.59
CA ALA C 85 13.07 -23.79 9.78
C ALA C 85 11.88 -22.94 10.21
N TYR C 86 12.12 -21.72 10.70
CA TYR C 86 11.07 -20.78 11.08
C TYR C 86 10.52 -19.93 9.93
N ARG C 87 10.93 -20.21 8.68
CA ARG C 87 10.61 -19.18 7.70
CA ARG C 87 10.64 -19.35 7.53
C ARG C 87 9.16 -19.20 7.21
N TRP C 88 8.32 -20.10 7.70
CA TRP C 88 6.88 -19.99 7.45
C TRP C 88 6.13 -19.40 8.64
N LEU C 89 6.84 -18.88 9.63
CA LEU C 89 6.24 -18.25 10.79
C LEU C 89 6.58 -16.77 10.76
N ALA C 90 5.55 -15.94 10.87
CA ALA C 90 5.73 -14.49 10.93
C ALA C 90 5.17 -13.99 12.24
N GLU C 91 5.54 -12.76 12.59
CA GLU C 91 5.12 -12.12 13.83
C GLU C 91 4.53 -10.76 13.48
N ASP C 92 3.45 -10.35 14.15
CA ASP C 92 2.85 -9.05 13.90
C ASP C 92 3.12 -8.08 15.04
N SER C 93 3.22 -6.80 14.70
CA SER C 93 3.33 -5.70 15.65
C SER C 93 2.40 -4.58 15.18
N ILE C 94 1.71 -3.95 16.11
CA ILE C 94 0.69 -2.94 15.80
CA ILE C 94 0.74 -2.91 15.77
C ILE C 94 0.72 -1.88 16.88
N TYR C 95 0.70 -0.60 16.48
CA TYR C 95 0.69 0.52 17.40
C TYR C 95 -0.30 1.56 16.90
N ILE C 96 -1.20 1.99 17.77
CA ILE C 96 -2.23 2.97 17.43
C ILE C 96 -2.01 4.23 18.25
N ALA C 97 -2.14 5.39 17.60
CA ALA C 97 -2.08 6.67 18.29
C ALA C 97 -3.09 6.68 19.43
N PRO C 98 -2.77 7.33 20.55
CA PRO C 98 -3.72 7.33 21.69
C PRO C 98 -5.10 7.90 21.36
N ASP C 99 -5.16 9.08 20.74
CA ASP C 99 -6.46 9.67 20.45
C ASP C 99 -7.23 8.91 19.37
N ALA C 100 -6.66 7.85 18.79
CA ALA C 100 -7.35 7.07 17.77
C ALA C 100 -7.70 5.66 18.24
N LYS C 101 -7.42 5.32 19.49
CA LYS C 101 -7.67 3.98 20.01
C LYS C 101 -9.16 3.75 20.23
N GLY C 102 -9.54 2.48 20.33
CA GLY C 102 -10.92 2.12 20.60
C GLY C 102 -11.91 2.40 19.49
N GLN C 103 -11.43 2.75 18.30
CA GLN C 103 -12.32 3.08 17.19
C GLN C 103 -12.28 2.03 16.08
N GLY C 104 -11.71 0.86 16.35
CA GLY C 104 -11.65 -0.20 15.35
C GLY C 104 -10.49 -0.11 14.40
N ILE C 105 -9.55 0.80 14.62
CA ILE C 105 -8.43 0.95 13.70
C ILE C 105 -7.52 -0.27 13.77
N GLY C 106 -7.25 -0.76 14.98
CA GLY C 106 -6.39 -1.92 15.12
C GLY C 106 -6.91 -3.12 14.34
N LYS C 107 -8.23 -3.32 14.38
CA LYS C 107 -8.85 -4.42 13.62
C LYS C 107 -8.66 -4.23 12.12
N LEU C 108 -8.79 -2.99 11.62
CA LEU C 108 -8.62 -2.75 10.20
C LEU C 108 -7.18 -3.04 9.75
N LEU C 109 -6.21 -2.49 10.48
CA LEU C 109 -4.81 -2.71 10.16
C LEU C 109 -4.45 -4.18 10.22
N LEU C 110 -4.78 -4.84 11.33
CA LEU C 110 -4.39 -6.23 11.51
C LEU C 110 -5.07 -7.12 10.48
N ARG C 111 -6.33 -6.83 10.15
CA ARG C 111 -7.00 -7.65 9.15
CA ARG C 111 -7.03 -7.63 9.13
C ARG C 111 -6.29 -7.59 7.81
N GLU C 112 -5.86 -6.40 7.39
CA GLU C 112 -5.13 -6.27 6.13
C GLU C 112 -3.73 -6.89 6.22
N LEU C 113 -3.08 -6.79 7.38
CA LEU C 113 -1.79 -7.45 7.55
C LEU C 113 -1.91 -8.96 7.40
N ILE C 114 -2.94 -9.54 8.01
CA ILE C 114 -3.17 -10.97 7.88
C ILE C 114 -3.31 -11.36 6.41
N ALA C 115 -4.07 -10.58 5.64
CA ALA C 115 -4.25 -10.90 4.23
C ALA C 115 -2.92 -10.84 3.47
N ARG C 116 -2.10 -9.83 3.76
CA ARG C 116 -0.82 -9.70 3.06
C ARG C 116 0.10 -10.85 3.42
N ILE C 117 0.19 -11.17 4.71
CA ILE C 117 1.04 -12.27 5.16
C ILE C 117 0.54 -13.60 4.63
N SER C 118 -0.78 -13.79 4.58
CA SER C 118 -1.33 -15.01 4.03
C SER C 118 -0.98 -15.15 2.55
N ALA C 119 -1.13 -14.07 1.78
CA ALA C 119 -0.79 -14.11 0.36
C ALA C 119 0.68 -14.45 0.13
N LEU C 120 1.56 -14.05 1.05
CA LEU C 120 2.98 -14.38 0.90
C LEU C 120 3.28 -15.84 1.21
N GLY C 121 2.31 -16.61 1.69
CA GLY C 121 2.50 -18.03 1.90
C GLY C 121 2.92 -18.44 3.29
N PHE C 122 2.96 -17.51 4.25
CA PHE C 122 3.24 -17.92 5.62
C PHE C 122 2.15 -18.88 6.11
N ARG C 123 2.51 -19.68 7.12
CA ARG C 123 1.62 -20.69 7.65
C ARG C 123 1.17 -20.42 9.08
N GLN C 124 1.89 -19.58 9.82
CA GLN C 124 1.53 -19.21 11.19
C GLN C 124 1.88 -17.74 11.40
N LEU C 125 1.02 -17.03 12.11
CA LEU C 125 1.26 -15.64 12.48
C LEU C 125 1.19 -15.55 13.99
N LEU C 126 2.25 -15.05 14.61
CA LEU C 126 2.41 -15.06 16.05
C LEU C 126 2.32 -13.64 16.61
N ALA C 127 1.57 -13.48 17.69
CA ALA C 127 1.57 -12.23 18.43
C ALA C 127 2.31 -12.46 19.75
N VAL C 128 3.31 -11.62 20.00
CA VAL C 128 4.11 -11.65 21.23
C VAL C 128 3.68 -10.42 22.02
N ILE C 129 2.75 -10.59 22.95
CA ILE C 129 2.03 -9.49 23.57
C ILE C 129 2.71 -9.14 24.89
N GLY C 130 3.31 -7.96 24.96
CA GLY C 130 3.98 -7.54 26.17
C GLY C 130 2.99 -7.14 27.24
N ASP C 131 3.31 -7.48 28.50
CA ASP C 131 2.47 -7.12 29.65
C ASP C 131 1.04 -7.56 29.41
N GLY C 132 0.89 -8.85 29.13
CA GLY C 132 -0.40 -9.38 28.70
C GLY C 132 -1.48 -9.26 29.75
N GLU C 133 -1.11 -9.21 31.03
CA GLU C 133 -2.12 -9.09 32.07
C GLU C 133 -2.76 -7.71 32.06
N HIS C 134 -2.04 -6.68 31.64
CA HIS C 134 -2.51 -5.30 31.65
CA HIS C 134 -2.61 -5.36 31.66
C HIS C 134 -3.00 -4.83 30.29
N ASN C 135 -2.40 -5.34 29.20
CA ASN C 135 -2.71 -4.88 27.85
C ASN C 135 -3.86 -5.70 27.26
N ILE C 136 -5.03 -5.52 27.87
CA ILE C 136 -6.24 -6.21 27.46
C ILE C 136 -6.62 -5.88 26.02
N GLY C 137 -6.37 -4.63 25.61
CA GLY C 137 -6.68 -4.26 24.23
C GLY C 137 -5.94 -5.10 23.20
N SER C 138 -4.66 -5.40 23.46
CA SER C 138 -3.88 -6.22 22.53
C SER C 138 -4.43 -7.64 22.46
N VAL C 139 -4.74 -8.22 23.62
CA VAL C 139 -5.29 -9.58 23.66
C VAL C 139 -6.62 -9.64 22.92
N LYS C 140 -7.54 -8.74 23.26
CA LYS C 140 -8.86 -8.78 22.64
C LYS C 140 -8.79 -8.53 21.14
N LEU C 141 -7.90 -7.65 20.70
CA LEU C 141 -7.76 -7.42 19.27
C LEU C 141 -7.40 -8.72 18.55
N HIS C 142 -6.40 -9.42 19.07
CA HIS C 142 -5.98 -10.66 18.42
C HIS C 142 -7.03 -11.74 18.59
N GLU C 143 -7.66 -11.82 19.77
CA GLU C 143 -8.78 -12.75 19.95
C GLU C 143 -9.87 -12.50 18.91
N SER C 144 -10.19 -11.24 18.65
CA SER C 144 -11.28 -10.94 17.76
C SER C 144 -10.98 -11.32 16.31
N LEU C 145 -9.71 -11.39 15.93
CA LEU C 145 -9.35 -11.80 14.58
C LEU C 145 -8.90 -13.26 14.51
N GLY C 146 -9.30 -14.07 15.49
CA GLY C 146 -9.16 -15.50 15.39
C GLY C 146 -7.90 -16.09 15.99
N PHE C 147 -7.01 -15.28 16.58
CA PHE C 147 -5.80 -15.83 17.20
C PHE C 147 -6.16 -16.71 18.37
N THR C 148 -5.38 -17.76 18.59
CA THR C 148 -5.58 -18.63 19.72
C THR C 148 -4.42 -18.48 20.69
N HIS C 149 -4.71 -18.60 21.97
CA HIS C 149 -3.68 -18.42 22.97
C HIS C 149 -2.74 -19.64 22.96
N CYS C 150 -1.44 -19.38 22.97
CA CYS C 150 -0.50 -20.50 22.88
C CYS C 150 0.63 -20.39 23.89
N GLY C 151 0.54 -19.53 24.88
CA GLY C 151 1.66 -19.44 25.79
C GLY C 151 1.63 -18.18 26.61
N ARG C 152 2.43 -18.21 27.68
CA ARG C 152 2.53 -17.07 28.58
C ARG C 152 3.84 -17.23 29.35
N ILE C 153 4.81 -16.36 29.05
CA ILE C 153 6.09 -16.36 29.74
C ILE C 153 5.95 -15.43 30.93
N GLU C 154 5.89 -15.99 32.13
CA GLU C 154 5.71 -15.18 33.33
C GLU C 154 6.97 -14.40 33.66
N GLY C 155 6.79 -13.15 34.07
CA GLY C 155 7.90 -12.37 34.59
C GLY C 155 8.99 -12.13 33.57
N SER C 156 8.63 -12.07 32.29
CA SER C 156 9.61 -11.92 31.21
C SER C 156 10.16 -10.50 31.12
N GLY C 157 9.43 -9.51 31.59
CA GLY C 157 9.84 -8.13 31.48
C GLY C 157 9.73 -7.41 32.81
N PHE C 158 10.57 -6.40 32.98
CA PHE C 158 10.45 -5.48 34.10
C PHE C 158 10.52 -4.08 33.53
N LYS C 159 9.49 -3.28 33.80
CA LYS C 159 9.40 -1.96 33.21
C LYS C 159 8.36 -1.19 33.99
N HIS C 160 8.60 0.12 34.18
CA HIS C 160 7.71 0.97 34.96
C HIS C 160 7.48 0.39 36.35
N GLY C 161 8.54 -0.20 36.93
CA GLY C 161 8.49 -0.70 38.29
C GLY C 161 7.66 -1.95 38.52
N ARG C 162 7.25 -2.67 37.47
CA ARG C 162 6.42 -3.87 37.59
C ARG C 162 7.01 -5.02 36.78
N TRP C 163 6.76 -6.24 37.23
CA TRP C 163 7.02 -7.41 36.41
C TRP C 163 5.91 -7.58 35.39
N LEU C 164 6.29 -8.00 34.19
CA LEU C 164 5.39 -8.13 33.06
C LEU C 164 5.43 -9.55 32.55
N ASP C 165 4.28 -10.04 32.10
CA ASP C 165 4.18 -11.34 31.44
C ASP C 165 4.00 -11.12 29.95
N THR C 166 4.59 -12.03 29.17
CA THR C 166 4.49 -11.99 27.72
C THR C 166 3.44 -13.02 27.30
N VAL C 167 2.38 -12.57 26.66
CA VAL C 167 1.32 -13.47 26.20
C VAL C 167 1.55 -13.79 24.74
N LEU C 168 1.50 -15.07 24.40
CA LEU C 168 1.73 -15.54 23.04
C LEU C 168 0.41 -16.01 22.46
N MET C 169 0.11 -15.59 21.21
CA MET C 169 -1.05 -16.07 20.49
C MET C 169 -0.66 -16.33 19.04
N GLN C 170 -1.39 -17.23 18.37
CA GLN C 170 -1.04 -17.53 16.99
C GLN C 170 -2.30 -17.75 16.16
N LEU C 171 -2.12 -17.53 14.86
CA LEU C 171 -3.20 -17.68 13.89
C LEU C 171 -2.67 -18.54 12.76
N PRO C 172 -3.28 -19.69 12.46
CA PRO C 172 -2.84 -20.46 11.29
C PRO C 172 -3.23 -19.76 9.99
N LEU C 173 -2.37 -19.91 8.98
CA LEU C 173 -2.63 -19.36 7.66
C LEU C 173 -2.40 -20.44 6.60
N ASN C 174 -3.23 -20.42 5.56
CA ASN C 174 -3.06 -21.32 4.39
C ASN C 174 -3.06 -22.79 4.81
N GLY C 175 -3.90 -23.15 5.77
CA GLY C 175 -3.94 -24.50 6.27
C GLY C 175 -3.00 -24.82 7.43
N GLY C 176 -2.16 -23.86 7.83
CA GLY C 176 -1.33 -24.08 9.01
C GLY C 176 -0.36 -25.24 8.79
N ARG C 177 -0.36 -26.18 9.72
CA ARG C 177 0.49 -27.36 9.61
C ARG C 177 -0.27 -28.58 9.10
N SER C 178 -1.40 -28.37 8.43
CA SER C 178 -2.23 -29.46 7.92
C SER C 178 -1.80 -29.95 6.54
N THR C 179 -0.97 -29.20 5.82
CA THR C 179 -0.43 -29.64 4.54
C THR C 179 1.05 -29.33 4.48
N GLU C 180 1.75 -29.97 3.54
CA GLU C 180 3.14 -29.64 3.30
C GLU C 180 3.25 -28.19 2.82
N PRO C 181 4.27 -27.45 3.24
CA PRO C 181 4.36 -26.03 2.87
C PRO C 181 4.82 -25.87 1.44
N GLY C 182 4.62 -24.67 0.90
CA GLY C 182 5.11 -24.35 -0.41
C GLY C 182 6.57 -23.95 -0.35
N PRO C 183 7.05 -23.22 -1.35
CA PRO C 183 8.36 -22.59 -1.21
C PRO C 183 8.34 -21.63 -0.03
N SER C 184 9.50 -21.34 0.50
CA SER C 184 9.54 -20.44 1.63
C SER C 184 9.06 -19.07 1.19
N PRO C 185 8.25 -18.40 1.99
CA PRO C 185 7.92 -17.00 1.68
C PRO C 185 9.19 -16.19 1.61
N LEU C 186 9.18 -15.15 0.79
CA LEU C 186 10.26 -14.17 0.76
C LEU C 186 11.58 -14.80 0.29
N MET D 9 -1.57 -16.85 -4.39
CA MET D 9 -2.64 -15.85 -4.56
C MET D 9 -2.05 -14.45 -4.72
N PRO D 10 -2.68 -13.63 -5.55
CA PRO D 10 -2.19 -12.26 -5.75
C PRO D 10 -2.62 -11.34 -4.63
N VAL D 11 -1.76 -10.38 -4.32
CA VAL D 11 -2.06 -9.35 -3.34
C VAL D 11 -2.08 -7.99 -4.04
N ILE D 12 -2.92 -7.10 -3.53
CA ILE D 12 -2.99 -5.71 -3.96
C ILE D 12 -2.26 -4.86 -2.94
N ARG D 13 -1.29 -4.07 -3.41
CA ARG D 13 -0.50 -3.20 -2.55
C ARG D 13 -0.24 -1.90 -3.28
N ASP D 14 0.37 -0.95 -2.57
CA ASP D 14 0.72 0.32 -3.18
C ASP D 14 1.87 0.15 -4.17
N PHE D 15 1.83 0.97 -5.22
CA PHE D 15 2.97 1.05 -6.12
C PHE D 15 4.21 1.53 -5.36
N GLN D 16 5.33 0.89 -5.63
CA GLN D 16 6.64 1.26 -5.13
CA GLN D 16 6.62 1.32 -5.12
C GLN D 16 7.56 1.61 -6.29
N PRO D 17 8.49 2.54 -6.13
CA PRO D 17 9.32 2.96 -7.28
C PRO D 17 9.98 1.83 -8.05
N ALA D 18 10.34 0.72 -7.39
CA ALA D 18 10.98 -0.40 -8.08
C ALA D 18 10.06 -1.09 -9.08
N ASP D 19 8.75 -0.82 -9.03
CA ASP D 19 7.79 -1.41 -9.96
C ASP D 19 7.80 -0.77 -11.34
N ILE D 20 8.44 0.39 -11.49
CA ILE D 20 8.24 1.20 -12.68
C ILE D 20 8.77 0.50 -13.92
N GLU D 21 9.74 -0.41 -13.78
CA GLU D 21 10.26 -1.11 -14.96
C GLU D 21 9.21 -2.04 -15.54
N THR D 22 8.60 -2.89 -14.70
CA THR D 22 7.57 -3.80 -15.18
C THR D 22 6.34 -3.05 -15.68
N ILE D 23 5.93 -2.02 -14.93
CA ILE D 23 4.74 -1.26 -15.30
C ILE D 23 4.93 -0.60 -16.66
N THR D 24 6.13 -0.07 -16.92
CA THR D 24 6.45 0.43 -18.25
C THR D 24 6.32 -0.68 -19.30
N ALA D 25 6.79 -1.89 -18.96
CA ALA D 25 6.66 -3.02 -19.88
C ALA D 25 5.19 -3.37 -20.13
N ILE D 26 4.37 -3.37 -19.08
CA ILE D 26 2.95 -3.66 -19.25
C ILE D 26 2.29 -2.59 -20.11
N TYR D 27 2.53 -1.32 -19.80
CA TYR D 27 1.88 -0.25 -20.55
C TYR D 27 2.42 -0.18 -21.98
N THR D 28 3.72 -0.41 -22.16
CA THR D 28 4.30 -0.42 -23.50
C THR D 28 3.57 -1.41 -24.40
N GLN D 29 3.31 -2.61 -23.88
CA GLN D 29 2.64 -3.62 -24.68
C GLN D 29 1.21 -3.20 -25.00
N ALA D 30 0.54 -2.50 -24.07
CA ALA D 30 -0.81 -2.03 -24.33
C ALA D 30 -0.83 -0.96 -25.42
N VAL D 31 0.14 -0.03 -25.37
CA VAL D 31 0.24 0.99 -26.41
C VAL D 31 0.43 0.35 -27.78
N LEU D 32 1.32 -0.64 -27.86
CA LEU D 32 1.73 -1.15 -29.17
C LEU D 32 0.63 -2.01 -29.80
N THR D 33 -0.03 -2.86 -29.00
CA THR D 33 -0.89 -3.89 -29.55
C THR D 33 -2.37 -3.68 -29.27
N GLY D 34 -2.74 -2.65 -28.49
CA GLY D 34 -4.11 -2.48 -28.07
C GLY D 34 -4.60 -1.06 -28.33
N THR D 35 -5.90 -0.88 -28.08
CA THR D 35 -6.59 0.38 -28.32
C THR D 35 -7.26 0.92 -27.07
N GLY D 36 -7.08 0.28 -25.92
CA GLY D 36 -7.48 0.90 -24.66
C GLY D 36 -6.74 2.19 -24.40
N SER D 37 -5.47 2.23 -24.75
CA SER D 37 -4.68 3.46 -24.69
C SER D 37 -4.74 4.17 -26.03
N TYR D 38 -4.97 5.49 -25.99
CA TYR D 38 -4.93 6.30 -27.21
C TYR D 38 -3.55 6.90 -27.48
N GLU D 39 -2.54 6.49 -26.72
CA GLU D 39 -1.17 6.79 -27.08
C GLU D 39 -0.71 5.84 -28.19
N ILE D 40 0.26 6.30 -28.96
CA ILE D 40 0.78 5.57 -30.10
C ILE D 40 2.21 5.10 -29.85
N GLU D 41 3.06 5.98 -29.31
CA GLU D 41 4.45 5.65 -28.99
C GLU D 41 4.58 5.39 -27.50
N PRO D 42 5.12 4.24 -27.10
CA PRO D 42 5.25 3.93 -25.67
C PRO D 42 6.08 4.97 -24.94
N PRO D 43 5.62 5.46 -23.79
CA PRO D 43 6.43 6.39 -23.01
C PRO D 43 7.64 5.69 -22.43
N THR D 44 8.69 6.48 -22.18
CA THR D 44 9.87 5.92 -21.57
C THR D 44 9.61 5.59 -20.10
N MET D 45 10.52 4.80 -19.52
CA MET D 45 10.41 4.49 -18.10
C MET D 45 10.46 5.75 -17.24
N ASP D 46 11.33 6.70 -17.59
CA ASP D 46 11.41 7.96 -16.85
CA ASP D 46 11.39 7.94 -16.84
C ASP D 46 10.10 8.74 -16.97
N GLU D 47 9.52 8.76 -18.18
CA GLU D 47 8.26 9.48 -18.36
C GLU D 47 7.16 8.85 -17.52
N MET D 48 7.07 7.52 -17.52
CA MET D 48 6.13 6.81 -16.67
C MET D 48 6.33 7.17 -15.20
N ALA D 49 7.60 7.27 -14.76
CA ALA D 49 7.88 7.63 -13.37
C ALA D 49 7.43 9.05 -13.07
N LYS D 50 7.65 9.98 -14.00
CA LYS D 50 7.17 11.35 -13.83
C LYS D 50 5.65 11.39 -13.76
N ARG D 51 4.97 10.59 -14.57
CA ARG D 51 3.51 10.58 -14.54
C ARG D 51 3.01 10.08 -13.20
N PHE D 52 3.59 8.99 -12.70
CA PHE D 52 3.15 8.42 -11.43
C PHE D 52 3.51 9.34 -10.26
N ALA D 53 4.64 10.05 -10.34
CA ALA D 53 4.97 11.00 -9.27
C ALA D 53 4.00 12.17 -9.23
N ALA D 54 3.44 12.56 -10.38
CA ALA D 54 2.45 13.64 -10.39
C ALA D 54 1.14 13.19 -9.76
N PHE D 55 0.69 11.97 -10.09
CA PHE D 55 -0.52 11.44 -9.46
C PHE D 55 -0.36 11.38 -7.95
N ALA D 56 0.76 10.80 -7.49
CA ALA D 56 0.97 10.66 -6.05
C ALA D 56 1.06 12.02 -5.39
N ASP D 57 1.71 12.98 -6.06
CA ASP D 57 1.80 14.33 -5.53
C ASP D 57 0.43 14.95 -5.32
N GLN D 58 -0.52 14.65 -6.22
CA GLN D 58 -1.89 15.14 -6.05
C GLN D 58 -2.61 14.42 -4.92
N GLY D 59 -2.16 13.22 -4.55
CA GLY D 59 -2.76 12.46 -3.48
C GLY D 59 -3.52 11.23 -3.92
N PHE D 60 -3.40 10.85 -5.18
CA PHE D 60 -4.17 9.75 -5.72
C PHE D 60 -3.46 8.42 -5.46
N PRO D 61 -4.25 7.38 -5.17
CA PRO D 61 -3.65 6.06 -4.93
C PRO D 61 -3.18 5.43 -6.23
N ILE D 62 -2.05 4.74 -6.15
CA ILE D 62 -1.52 3.93 -7.25
C ILE D 62 -1.28 2.53 -6.71
N LEU D 63 -1.97 1.55 -7.28
CA LEU D 63 -1.96 0.18 -6.78
C LEU D 63 -1.39 -0.78 -7.82
N VAL D 64 -0.75 -1.85 -7.33
CA VAL D 64 -0.25 -2.90 -8.20
C VAL D 64 -0.70 -4.25 -7.67
N ALA D 65 -0.90 -5.20 -8.57
CA ALA D 65 -1.16 -6.58 -8.21
C ALA D 65 0.13 -7.35 -8.39
N GLU D 66 0.50 -8.13 -7.37
CA GLU D 66 1.76 -8.85 -7.35
C GLU D 66 1.52 -10.28 -6.90
N ALA D 67 2.04 -11.24 -7.65
CA ALA D 67 2.13 -12.62 -7.22
C ALA D 67 3.48 -13.17 -7.62
N ASP D 68 4.07 -13.97 -6.74
CA ASP D 68 5.36 -14.60 -7.00
C ASP D 68 6.41 -13.55 -7.37
N GLY D 69 6.37 -12.42 -6.66
CA GLY D 69 7.32 -11.35 -6.84
C GLY D 69 7.20 -10.56 -8.13
N ARG D 70 6.23 -10.88 -8.98
CA ARG D 70 6.08 -10.21 -10.27
C ARG D 70 4.83 -9.33 -10.27
N VAL D 71 4.95 -8.17 -10.89
CA VAL D 71 3.81 -7.25 -11.04
C VAL D 71 2.92 -7.78 -12.15
N LEU D 72 1.66 -8.07 -11.81
CA LEU D 72 0.67 -8.57 -12.77
C LEU D 72 -0.09 -7.46 -13.47
N GLY D 73 -0.14 -6.28 -12.88
CA GLY D 73 -0.92 -5.19 -13.41
C GLY D 73 -0.91 -4.03 -12.44
N TYR D 74 -1.59 -2.96 -12.84
CA TYR D 74 -1.64 -1.77 -12.01
C TYR D 74 -2.92 -1.00 -12.30
N ALA D 75 -3.31 -0.17 -11.32
CA ALA D 75 -4.44 0.73 -11.48
C ALA D 75 -4.17 2.00 -10.68
N TYR D 76 -4.69 3.12 -11.18
CA TYR D 76 -4.52 4.38 -10.47
C TYR D 76 -5.75 5.25 -10.71
N ALA D 77 -5.93 6.23 -9.84
CA ALA D 77 -6.96 7.23 -10.03
C ALA D 77 -6.32 8.57 -10.35
N SER D 78 -7.07 9.43 -11.00
CA SER D 78 -6.65 10.80 -11.27
C SER D 78 -7.89 11.64 -11.49
N TYR D 79 -7.69 12.93 -11.75
CA TYR D 79 -8.82 13.80 -12.08
C TYR D 79 -9.28 13.58 -13.51
N PHE D 80 -10.60 13.58 -13.71
CA PHE D 80 -11.12 13.67 -15.07
C PHE D 80 -10.75 15.01 -15.70
N ARG D 81 -11.11 16.11 -15.03
CA ARG D 81 -10.64 17.45 -15.38
C ARG D 81 -10.33 18.18 -14.08
N VAL D 82 -9.51 19.23 -14.17
CA VAL D 82 -8.90 19.78 -12.95
C VAL D 82 -9.61 21.01 -12.39
N ARG D 83 -10.54 21.62 -13.14
CA ARG D 83 -11.22 22.79 -12.63
C ARG D 83 -11.93 22.45 -11.31
N PRO D 84 -11.99 23.42 -10.37
CA PRO D 84 -12.36 23.06 -8.98
C PRO D 84 -13.72 22.43 -8.81
N ALA D 85 -14.72 22.76 -9.64
CA ALA D 85 -16.03 22.14 -9.40
C ALA D 85 -15.99 20.63 -9.64
N TYR D 86 -15.00 20.13 -10.37
CA TYR D 86 -14.82 18.70 -10.63
C TYR D 86 -14.12 17.95 -9.49
N ARG D 87 -13.85 18.58 -8.35
CA ARG D 87 -12.89 17.93 -7.45
CA ARG D 87 -12.93 18.01 -7.34
C ARG D 87 -13.48 16.78 -6.65
N TRP D 88 -14.76 16.46 -6.79
CA TRP D 88 -15.32 15.25 -6.20
C TRP D 88 -15.47 14.14 -7.24
N LEU D 89 -14.92 14.33 -8.42
CA LEU D 89 -14.99 13.38 -9.52
C LEU D 89 -13.58 12.83 -9.76
N ALA D 90 -13.43 11.51 -9.68
CA ALA D 90 -12.17 10.85 -10.01
C ALA D 90 -12.38 9.97 -11.24
N GLU D 91 -11.26 9.57 -11.85
CA GLU D 91 -11.25 8.67 -13.01
C GLU D 91 -10.29 7.53 -12.71
N ASP D 92 -10.67 6.30 -13.12
CA ASP D 92 -9.84 5.13 -12.90
C ASP D 92 -9.18 4.68 -14.19
N SER D 93 -7.96 4.15 -14.08
CA SER D 93 -7.28 3.49 -15.18
C SER D 93 -6.67 2.20 -14.68
N ILE D 94 -6.72 1.15 -15.50
CA ILE D 94 -6.26 -0.16 -15.06
C ILE D 94 -5.70 -0.90 -16.27
N TYR D 95 -4.56 -1.55 -16.07
CA TYR D 95 -3.85 -2.30 -17.11
C TYR D 95 -3.32 -3.58 -16.48
N ILE D 96 -3.59 -4.71 -17.14
CA ILE D 96 -3.16 -6.03 -16.68
C ILE D 96 -2.23 -6.63 -17.72
N ALA D 97 -1.13 -7.22 -17.25
CA ALA D 97 -0.23 -7.93 -18.15
C ALA D 97 -0.99 -9.00 -18.92
N PRO D 98 -0.71 -9.19 -20.21
CA PRO D 98 -1.50 -10.15 -20.99
C PRO D 98 -1.47 -11.56 -20.44
N ASP D 99 -0.31 -12.04 -19.97
CA ASP D 99 -0.25 -13.38 -19.41
C ASP D 99 -0.98 -13.52 -18.09
N ALA D 100 -1.50 -12.43 -17.52
CA ALA D 100 -2.27 -12.46 -16.30
C ALA D 100 -3.73 -12.12 -16.50
N LYS D 101 -4.16 -11.82 -17.72
CA LYS D 101 -5.54 -11.44 -17.98
C LYS D 101 -6.49 -12.63 -17.76
N GLY D 102 -7.75 -12.30 -17.55
CA GLY D 102 -8.78 -13.32 -17.41
C GLY D 102 -8.63 -14.22 -16.20
N GLN D 103 -7.89 -13.77 -15.18
CA GLN D 103 -7.73 -14.53 -13.95
C GLN D 103 -8.46 -13.91 -12.77
N GLY D 104 -9.21 -12.83 -12.99
CA GLY D 104 -9.84 -12.09 -11.91
C GLY D 104 -9.01 -10.96 -11.34
N ILE D 105 -7.82 -10.71 -11.91
CA ILE D 105 -6.91 -9.73 -11.32
C ILE D 105 -7.41 -8.31 -11.55
N GLY D 106 -8.07 -8.06 -12.69
CA GLY D 106 -8.63 -6.74 -12.90
C GLY D 106 -9.65 -6.35 -11.86
N LYS D 107 -10.56 -7.27 -11.52
CA LYS D 107 -11.60 -6.96 -10.55
C LYS D 107 -11.02 -6.76 -9.15
N LEU D 108 -10.05 -7.58 -8.78
CA LEU D 108 -9.37 -7.40 -7.50
C LEU D 108 -8.74 -6.01 -7.40
N LEU D 109 -8.03 -5.60 -8.46
CA LEU D 109 -7.39 -4.29 -8.47
C LEU D 109 -8.41 -3.18 -8.37
N LEU D 110 -9.41 -3.22 -9.23
CA LEU D 110 -10.38 -2.13 -9.30
C LEU D 110 -11.22 -2.07 -8.02
N ARG D 111 -11.56 -3.22 -7.46
CA ARG D 111 -12.32 -3.24 -6.22
C ARG D 111 -11.59 -2.48 -5.13
N GLU D 112 -10.28 -2.68 -5.02
CA GLU D 112 -9.51 -1.99 -3.99
C GLU D 112 -9.33 -0.52 -4.31
N LEU D 113 -9.19 -0.19 -5.59
CA LEU D 113 -9.10 1.22 -5.98
C LEU D 113 -10.38 1.96 -5.61
N ILE D 114 -11.54 1.32 -5.81
CA ILE D 114 -12.80 1.93 -5.42
C ILE D 114 -12.81 2.23 -3.93
N ALA D 115 -12.33 1.28 -3.12
CA ALA D 115 -12.32 1.48 -1.67
C ALA D 115 -11.45 2.66 -1.28
N ARG D 116 -10.28 2.79 -1.91
CA ARG D 116 -9.38 3.89 -1.59
C ARG D 116 -9.97 5.22 -2.03
N ILE D 117 -10.47 5.28 -3.26
CA ILE D 117 -11.09 6.53 -3.76
C ILE D 117 -12.29 6.90 -2.90
N SER D 118 -13.07 5.89 -2.49
CA SER D 118 -14.23 6.16 -1.64
C SER D 118 -13.81 6.74 -0.30
N ALA D 119 -12.76 6.18 0.31
CA ALA D 119 -12.30 6.68 1.61
C ALA D 119 -11.76 8.10 1.51
N LEU D 120 -11.20 8.48 0.36
CA LEU D 120 -10.74 9.86 0.21
C LEU D 120 -11.88 10.85 0.07
N GLY D 121 -13.11 10.38 -0.07
CA GLY D 121 -14.27 11.25 -0.08
C GLY D 121 -14.79 11.65 -1.45
N PHE D 122 -14.34 10.99 -2.52
CA PHE D 122 -14.88 11.31 -3.84
C PHE D 122 -16.33 10.82 -3.95
N ARG D 123 -17.08 11.45 -4.85
CA ARG D 123 -18.51 11.16 -5.03
C ARG D 123 -18.84 10.43 -6.31
N GLN D 124 -17.95 10.46 -7.30
CA GLN D 124 -18.16 9.82 -8.59
C GLN D 124 -16.81 9.30 -9.09
N LEU D 125 -16.83 8.08 -9.62
CA LEU D 125 -15.66 7.48 -10.24
C LEU D 125 -16.01 7.22 -11.70
N LEU D 126 -15.23 7.79 -12.60
CA LEU D 126 -15.50 7.77 -14.03
C LEU D 126 -14.52 6.82 -14.73
N ALA D 127 -15.05 5.92 -15.55
CA ALA D 127 -14.24 5.13 -16.47
C ALA D 127 -14.36 5.73 -17.87
N VAL D 128 -13.23 6.16 -18.42
CA VAL D 128 -13.17 6.64 -19.79
C VAL D 128 -12.54 5.50 -20.59
N ILE D 129 -13.39 4.70 -21.24
CA ILE D 129 -12.96 3.42 -21.81
C ILE D 129 -12.67 3.62 -23.30
N GLY D 130 -11.38 3.56 -23.64
CA GLY D 130 -11.00 3.70 -25.03
C GLY D 130 -11.45 2.50 -25.85
N ASP D 131 -11.91 2.77 -27.07
CA ASP D 131 -12.32 1.74 -28.03
C ASP D 131 -13.30 0.77 -27.38
N GLY D 132 -14.34 1.33 -26.78
CA GLY D 132 -15.27 0.57 -25.97
C GLY D 132 -16.07 -0.45 -26.76
N GLU D 133 -16.29 -0.21 -28.05
CA GLU D 133 -16.99 -1.20 -28.87
C GLU D 133 -16.22 -2.50 -28.91
N HIS D 134 -14.90 -2.41 -28.86
CA HIS D 134 -13.98 -3.54 -29.07
C HIS D 134 -13.44 -4.09 -27.76
N ASN D 135 -13.20 -3.24 -26.77
CA ASN D 135 -12.57 -3.65 -25.52
C ASN D 135 -13.63 -4.06 -24.51
N ILE D 136 -14.27 -5.19 -24.82
CA ILE D 136 -15.41 -5.66 -24.05
C ILE D 136 -15.00 -6.00 -22.63
N GLY D 137 -13.80 -6.53 -22.44
CA GLY D 137 -13.33 -6.87 -21.11
C GLY D 137 -13.31 -5.69 -20.17
N SER D 138 -12.97 -4.50 -20.69
CA SER D 138 -13.00 -3.28 -19.87
C SER D 138 -14.42 -2.96 -19.43
N VAL D 139 -15.37 -3.01 -20.36
CA VAL D 139 -16.75 -2.68 -20.04
C VAL D 139 -17.31 -3.69 -19.04
N LYS D 140 -17.12 -4.99 -19.31
CA LYS D 140 -17.60 -6.02 -18.39
C LYS D 140 -17.00 -5.85 -17.00
N LEU D 141 -15.69 -5.58 -16.92
CA LEU D 141 -15.05 -5.40 -15.63
C LEU D 141 -15.75 -4.32 -14.81
N HIS D 142 -16.06 -3.20 -15.47
CA HIS D 142 -16.65 -2.08 -14.75
C HIS D 142 -18.12 -2.33 -14.42
N GLU D 143 -18.85 -2.95 -15.35
CA GLU D 143 -20.22 -3.38 -15.03
C GLU D 143 -20.21 -4.33 -13.83
N SER D 144 -19.22 -5.22 -13.76
CA SER D 144 -19.18 -6.21 -12.67
C SER D 144 -18.96 -5.56 -11.32
N LEU D 145 -18.46 -4.33 -11.28
CA LEU D 145 -18.25 -3.60 -10.03
C LEU D 145 -19.21 -2.42 -9.89
N GLY D 146 -20.30 -2.42 -10.65
CA GLY D 146 -21.39 -1.51 -10.40
C GLY D 146 -21.40 -0.22 -11.18
N PHE D 147 -20.43 0.00 -12.07
CA PHE D 147 -20.46 1.16 -12.94
C PHE D 147 -21.67 1.08 -13.86
N THR D 148 -22.27 2.24 -14.15
CA THR D 148 -23.37 2.33 -15.11
C THR D 148 -22.92 3.12 -16.34
N HIS D 149 -23.54 2.84 -17.47
CA HIS D 149 -23.20 3.52 -18.71
C HIS D 149 -23.73 4.96 -18.67
N CYS D 150 -22.86 5.92 -19.01
CA CYS D 150 -23.27 7.32 -18.99
C CYS D 150 -22.84 8.07 -20.24
N GLY D 151 -22.50 7.39 -21.32
CA GLY D 151 -22.25 8.09 -22.57
C GLY D 151 -21.28 7.34 -23.46
N ARG D 152 -21.21 7.82 -24.70
CA ARG D 152 -20.36 7.19 -25.69
C ARG D 152 -20.00 8.25 -26.72
N ILE D 153 -18.72 8.63 -26.76
CA ILE D 153 -18.27 9.59 -27.76
C ILE D 153 -17.83 8.79 -28.99
N GLU D 154 -18.64 8.84 -30.05
CA GLU D 154 -18.34 8.03 -31.22
C GLU D 154 -17.19 8.61 -32.02
N GLY D 155 -16.33 7.72 -32.52
CA GLY D 155 -15.24 8.15 -33.38
C GLY D 155 -14.33 9.16 -32.72
N SER D 156 -14.09 9.01 -31.42
CA SER D 156 -13.21 9.89 -30.67
C SER D 156 -11.73 9.60 -30.93
N GLY D 157 -11.41 8.40 -31.39
CA GLY D 157 -10.02 8.03 -31.59
C GLY D 157 -9.86 7.31 -32.92
N PHE D 158 -8.65 7.46 -33.49
CA PHE D 158 -8.28 6.71 -34.67
C PHE D 158 -6.90 6.11 -34.44
N LYS D 159 -6.80 4.79 -34.55
CA LYS D 159 -5.57 4.09 -34.23
C LYS D 159 -5.62 2.73 -34.91
N HIS D 160 -4.47 2.27 -35.39
CA HIS D 160 -4.39 0.99 -36.09
C HIS D 160 -5.37 0.92 -37.25
N GLY D 161 -5.62 2.05 -37.91
CA GLY D 161 -6.45 2.03 -39.09
C GLY D 161 -7.94 1.96 -38.87
N ARG D 162 -8.44 2.19 -37.65
CA ARG D 162 -9.88 2.22 -37.45
C ARG D 162 -10.28 3.28 -36.44
N TRP D 163 -11.54 3.70 -36.57
CA TRP D 163 -12.14 4.62 -35.63
C TRP D 163 -12.53 3.90 -34.35
N LEU D 164 -12.37 4.60 -33.23
CA LEU D 164 -12.61 4.08 -31.90
C LEU D 164 -13.66 4.92 -31.19
N ASP D 165 -14.54 4.28 -30.43
CA ASP D 165 -15.49 5.00 -29.57
C ASP D 165 -15.00 5.02 -28.13
N THR D 166 -15.25 6.12 -27.44
CA THR D 166 -14.99 6.21 -26.02
C THR D 166 -16.28 5.90 -25.28
N VAL D 167 -16.26 4.85 -24.47
CA VAL D 167 -17.40 4.47 -23.64
C VAL D 167 -17.17 5.05 -22.25
N LEU D 168 -18.13 5.82 -21.77
CA LEU D 168 -18.07 6.42 -20.45
C LEU D 168 -18.99 5.66 -19.50
N MET D 169 -18.47 5.40 -18.30
CA MET D 169 -19.20 4.72 -17.25
C MET D 169 -18.86 5.40 -15.94
N GLN D 170 -19.81 5.41 -15.00
CA GLN D 170 -19.56 6.07 -13.73
C GLN D 170 -20.11 5.25 -12.58
N LEU D 171 -19.52 5.47 -11.40
CA LEU D 171 -19.89 4.76 -10.19
C LEU D 171 -20.01 5.78 -9.08
N PRO D 172 -21.19 5.95 -8.49
CA PRO D 172 -21.33 6.91 -7.39
C PRO D 172 -20.74 6.35 -6.11
N LEU D 173 -20.21 7.27 -5.29
CA LEU D 173 -19.61 6.88 -4.03
C LEU D 173 -20.05 7.86 -2.96
N ASN D 174 -20.15 7.37 -1.72
CA ASN D 174 -20.45 8.21 -0.57
C ASN D 174 -21.77 8.97 -0.74
N GLY D 175 -22.73 8.38 -1.41
CA GLY D 175 -24.00 9.05 -1.66
C GLY D 175 -24.10 9.77 -2.99
N GLY D 176 -23.00 9.87 -3.75
CA GLY D 176 -23.09 10.42 -5.08
C GLY D 176 -23.53 11.88 -5.02
N ARG D 177 -24.49 12.23 -5.86
CA ARG D 177 -25.05 13.58 -5.87
C ARG D 177 -26.35 13.68 -5.07
N SER D 178 -26.70 12.66 -4.30
CA SER D 178 -27.95 12.76 -3.54
C SER D 178 -27.76 13.37 -2.15
N THR D 179 -26.53 13.63 -1.73
CA THR D 179 -26.24 14.23 -0.43
C THR D 179 -25.29 15.41 -0.60
N GLU D 180 -25.34 16.33 0.36
CA GLU D 180 -24.43 17.46 0.33
C GLU D 180 -22.98 16.97 0.41
N PRO D 181 -22.06 17.58 -0.33
CA PRO D 181 -20.67 17.13 -0.30
C PRO D 181 -19.99 17.50 1.00
N GLY D 182 -18.94 16.74 1.31
CA GLY D 182 -18.06 17.11 2.38
C GLY D 182 -16.97 18.00 1.85
N PRO D 183 -15.88 18.14 2.61
CA PRO D 183 -14.73 18.88 2.09
C PRO D 183 -14.19 18.22 0.83
N SER D 184 -13.56 19.05 0.01
CA SER D 184 -12.95 18.56 -1.23
C SER D 184 -11.93 17.48 -0.91
N PRO D 185 -11.99 16.32 -1.57
CA PRO D 185 -10.92 15.33 -1.37
C PRO D 185 -9.59 15.94 -1.76
N LEU D 186 -8.52 15.46 -1.13
CA LEU D 186 -7.16 15.89 -1.48
C LEU D 186 -6.95 17.39 -1.24
N SER D 187 -7.86 18.03 -0.49
CA SER D 187 -7.72 19.43 -0.13
C SER D 187 -6.97 19.52 1.19
N1A ACO E . -33.90 28.55 -24.04
C2A ACO E . -34.25 27.98 -25.21
N3A ACO E . -33.65 28.07 -26.40
C4A ACO E . -32.58 28.86 -26.34
C5A ACO E . -32.10 29.54 -25.23
C6A ACO E . -32.81 29.34 -24.02
N6A ACO E . -32.44 29.88 -22.85
N7A ACO E . -30.97 30.26 -25.54
C8A ACO E . -30.78 30.02 -26.81
N9A ACO E . -31.71 29.18 -27.36
C1B ACO E . -31.75 28.72 -28.74
C2B ACO E . -32.14 29.83 -29.74
O2B ACO E . -33.54 29.84 -30.00
C3B ACO E . -31.36 29.39 -30.98
O3B ACO E . -32.07 28.37 -31.72
P3B ACO E . -32.88 28.65 -33.10
O7A ACO E . -33.41 27.36 -33.61
O8A ACO E . -33.96 29.66 -32.69
O9A ACO E . -31.91 29.32 -34.06
C4B ACO E . -30.08 28.77 -30.41
O4B ACO E . -30.46 28.27 -29.10
C5B ACO E . -28.91 29.71 -30.29
O5B ACO E . -29.39 30.95 -29.71
P1A ACO E . -28.45 32.18 -29.42
O1A ACO E . -29.19 33.46 -29.25
O2A ACO E . -27.40 32.28 -30.48
O3A ACO E . -27.66 31.83 -28.09
P2A ACO E . -26.65 32.72 -27.24
O4A ACO E . -26.20 33.84 -28.08
O5A ACO E . -27.39 33.21 -25.99
O6A ACO E . -25.49 31.73 -26.83
CBP ACO E . -24.81 30.54 -24.83
CCP ACO E . -25.83 30.65 -25.95
CDP ACO E . -25.18 29.35 -23.93
CEP ACO E . -23.42 30.32 -25.44
CAP ACO E . -24.81 31.85 -24.01
OAP ACO E . -26.09 32.06 -23.45
C9P ACO E . -23.76 31.96 -22.92
O9P ACO E . -22.67 32.47 -23.18
N8P ACO E . -24.08 31.48 -21.72
C7P ACO E . -23.26 31.65 -20.53
C6P ACO E . -21.86 31.08 -20.71
C5P ACO E . -21.87 29.60 -20.94
O5P ACO E . -22.57 28.85 -20.26
N4P ACO E . -21.07 29.14 -21.90
C3P ACO E . -20.89 27.72 -22.15
C2P ACO E . -21.72 27.26 -23.32
S1P ACO E . -21.57 25.45 -23.62
C ACO E . -19.99 25.25 -24.39
O ACO E . -19.22 26.16 -24.54
CH3 ACO E . -19.70 23.83 -24.76
CL CL F . -4.21 43.55 -30.90
N1A ACO G . 12.62 -40.16 27.75
C2A ACO G . 12.34 -39.86 29.01
N3A ACO G . 13.08 -39.19 29.90
C4A ACO G . 14.25 -38.81 29.37
C5A ACO G . 14.69 -39.06 28.08
C6A ACO G . 13.81 -39.77 27.23
N6A ACO G . 14.10 -40.06 25.96
N7A ACO G . 15.97 -38.55 27.89
C8A ACO G . 16.26 -38.02 29.06
N9A ACO G . 15.27 -38.13 30.00
C1B ACO G . 15.31 -37.68 31.38
C2B ACO G . 16.24 -38.52 32.26
O2B ACO G . 15.56 -39.61 32.87
C3B ACO G . 16.65 -37.48 33.31
O3B ACO G . 15.65 -37.39 34.36
P3B ACO G . 15.93 -37.99 35.85
O7A ACO G . 14.77 -37.67 36.75
O8A ACO G . 16.17 -39.50 35.63
O9A ACO G . 17.26 -37.36 36.31
C4B ACO G . 16.70 -36.17 32.52
O4B ACO G . 15.82 -36.37 31.39
C5B ACO G . 18.07 -35.77 32.02
O5B ACO G . 18.62 -36.87 31.27
P1A ACO G . 20.04 -36.76 30.57
O1A ACO G . 20.76 -38.04 30.38
O2A ACO G . 20.88 -35.77 31.32
O3A ACO G . 19.78 -36.11 29.14
P2A ACO G . 20.79 -35.88 27.93
O4A ACO G . 22.19 -36.00 28.36
O5A ACO G . 20.44 -36.90 26.87
O6A ACO G . 20.44 -34.39 27.48
CBP ACO G . 19.42 -33.42 25.49
CCP ACO G . 19.19 -34.16 26.81
CDP ACO G . 18.07 -33.15 24.83
CEP ACO G . 20.13 -32.10 25.80
CAP ACO G . 20.32 -34.27 24.56
OAP ACO G . 19.73 -35.54 24.36
C9P ACO G . 20.65 -33.62 23.23
O9P ACO G . 21.67 -32.94 23.11
N8P ACO G . 19.77 -33.81 22.24
C7P ACO G . 20.00 -33.37 20.86
C6P ACO G . 20.27 -31.87 20.78
C5P ACO G . 19.08 -31.06 21.22
O5P ACO G . 17.95 -31.34 20.85
N4P ACO G . 19.35 -30.01 22.00
C3P ACO G . 18.30 -29.09 22.42
C2P ACO G . 17.87 -29.32 23.86
S1P ACO G . 16.49 -28.24 24.36
C ACO G . 17.30 -26.70 24.67
O ACO G . 18.47 -26.54 24.51
CH3 ACO G . 16.35 -25.62 25.11
MG MG H . 32.01 -15.47 31.08
N1A ACO I . -10.36 -2.91 26.90
C2A ACO I . -11.18 -3.85 26.42
N3A ACO I . -11.39 -4.23 25.16
C4A ACO I . -10.63 -3.51 24.32
C5A ACO I . -9.75 -2.50 24.66
C6A ACO I . -9.62 -2.21 26.03
N6A ACO I . -8.78 -1.27 26.52
N7A ACO I . -9.14 -1.97 23.52
C8A ACO I . -9.65 -2.68 22.54
N9A ACO I . -10.56 -3.62 22.95
C1B ACO I . -11.24 -4.60 22.10
C2B ACO I . -12.42 -4.02 21.31
O2B ACO I . -13.64 -4.16 22.02
C3B ACO I . -12.41 -4.93 20.08
O3B ACO I . -13.18 -6.13 20.28
P3B ACO I . -14.53 -6.46 19.39
O7A ACO I . -14.63 -7.90 18.98
O8A ACO I . -15.72 -5.99 20.26
O9A ACO I . -14.48 -5.52 18.18
C4B ACO I . -10.93 -5.25 19.86
O4B ACO I . -10.30 -5.07 21.16
C5B ACO I . -10.23 -4.40 18.84
O5B ACO I . -10.42 -3.01 19.16
P1A ACO I . -9.74 -1.79 18.32
O1A ACO I . -10.45 -0.49 18.45
O2A ACO I . -9.58 -2.19 16.85
O3A ACO I . -8.29 -1.65 18.96
P2A ACO I . -7.23 -0.45 18.98
O4A ACO I . -7.49 0.42 17.80
O5A ACO I . -7.37 0.29 20.29
O6A ACO I . -5.78 -1.16 18.94
CBP ACO I . -3.99 -1.79 20.47
CCP ACO I . -5.45 -2.02 20.05
CDP ACO I . -3.70 -2.62 21.72
CEP ACO I . -3.09 -2.25 19.32
CAP ACO I . -3.76 -0.29 20.76
OAP ACO I . -4.53 0.08 21.90
C9P ACO I . -2.33 0.18 20.92
O9P ACO I . -1.71 0.60 19.94
N8P ACO I . -1.82 0.12 22.16
C7P ACO I . -0.54 0.72 22.52
C6P ACO I . 0.62 0.07 21.81
C5P ACO I . 0.74 -1.41 22.09
O5P ACO I . 0.65 -1.84 23.24
N4P ACO I . 0.94 -2.20 21.04
C3P ACO I . 1.15 -3.63 21.16
C2P ACO I . 0.07 -4.44 20.45
S1P ACO I . 0.28 -6.24 20.71
C ACO I . 1.21 -6.64 19.27
O ACO I . 1.57 -5.80 18.48
CH3 ACO I . 1.55 -8.10 19.17
N1A ACO J . -13.79 -10.62 -22.97
C2A ACO J . -14.94 -10.64 -22.30
N3A ACO J . -15.14 -10.50 -20.98
C4A ACO J . -13.98 -10.31 -20.33
C5A ACO J . -12.72 -10.27 -20.91
C6A ACO J . -12.63 -10.45 -22.30
N6A ACO J . -11.49 -10.45 -22.99
N7A ACO J . -11.75 -10.04 -19.94
C8A ACO J . -12.44 -9.94 -18.82
N9A ACO J . -13.79 -10.09 -19.00
C1B ACO J . -14.81 -10.03 -17.96
C2B ACO J . -14.64 -11.09 -16.86
O2B ACO J . -15.54 -12.17 -17.07
C3B ACO J . -14.92 -10.30 -15.58
O3B ACO J . -16.33 -10.15 -15.29
P3B ACO J . -17.34 -11.30 -14.72
O7A ACO J . -18.62 -11.18 -15.51
O8A ACO J . -16.63 -12.65 -14.90
O9A ACO J . -17.52 -11.04 -13.21
C4B ACO J . -14.42 -8.90 -15.93
O4B ACO J . -14.73 -8.75 -17.34
C5B ACO J . -12.94 -8.69 -15.72
O5B ACO J . -12.34 -9.88 -15.18
P1A ACO J . -10.80 -9.83 -14.74
O1A ACO J . -10.05 -11.10 -14.89
O2A ACO J . -10.75 -9.32 -13.30
O3A ACO J . -10.16 -8.73 -15.70
P2A ACO J . -8.69 -8.53 -16.27
O4A ACO J . -7.71 -8.95 -15.25
O5A ACO J . -8.54 -9.37 -17.54
O6A ACO J . -8.56 -6.95 -16.68
CBP ACO J . -8.81 -5.37 -18.52
CCP ACO J . -9.50 -6.41 -17.63
CDP ACO J . -9.78 -4.95 -19.63
CEP ACO J . -8.46 -4.15 -17.66
CAP ACO J . -7.53 -5.98 -19.13
OAP ACO J . -7.89 -7.02 -20.03
C9P ACO J . -6.50 -5.07 -19.79
O9P ACO J . -5.54 -4.66 -19.13
N8P ACO J . -6.69 -4.78 -21.08
C7P ACO J . -5.72 -4.05 -21.89
C6P ACO J . -5.48 -2.64 -21.37
C5P ACO J . -6.72 -1.79 -21.40
O5P ACO J . -7.53 -1.86 -22.32
N4P ACO J . -6.88 -0.95 -20.37
C3P ACO J . -8.00 -0.02 -20.27
C2P ACO J . -9.11 -0.59 -19.41
S1P ACO J . -10.52 0.55 -19.24
C ACO J . -9.93 1.71 -18.05
O ACO J . -8.82 1.65 -17.59
CH3 ACO J . -10.93 2.76 -17.70
#